data_8E83
#
_entry.id   8E83
#
_cell.length_a   50.119
_cell.length_b   73.787
_cell.length_c   148.671
_cell.angle_alpha   90.000
_cell.angle_beta   93.476
_cell.angle_gamma   90.000
#
_symmetry.space_group_name_H-M   'P 1 21 1'
#
loop_
_entity.id
_entity.type
_entity.pdbx_description
1 polymer 'Isoflavone synthase 1'
2 non-polymer 'PROTOPORPHYRIN IX CONTAINING FE'
3 non-polymer 'SULFATE ION'
4 water water
#
_entity_poly.entity_id   1
_entity_poly.type   'polypeptide(L)'
_entity_poly.pdbx_seq_one_letter_code
;MAKKTSSKGKLPPSPKPRLPFIGHLHLLDNPLLHHTLIKLGKRYGPLYTLYFGSMPTVVASTPDLFKLFLQTHEATSFNT
RFQTSAISRLTYDNSVAMVPFAPYWKFIRKLIMNDLLNATTVNKLRPLRSREILKVLKVMANSAETQQPLDVTEELLKWT
NSTISTMMLGEAEEVRDIARDVLKIFGEYSVTNFIWPLNKFKFGNYDKRTEEIFNKYDPIIEKVIKKRQEIVNKRKNGEI
VEGEQNVVFLDTLLEFAQDETMEIKITKEQIKGLVVDFFSAGTDSTAVSTEWTLSELINNPRVLKKAREEIDSVVGKDRL
VDESDVQNLPYIKAIVKEAFRLHPPLPVVKRKCTQECEIDGYVVPEGALILFNVWAVGRDPKYWVKPLEFRPERFIENVG
EGEAASIDLRGQHFTLLPFGSGRRMCPGVNLATAGMATMIASIIQCFDLQVPGQHGEILNGDYAKVSMEERPGLTVPRAH
NLMCVPLARAGVADKLLSSHHHH
;
_entity_poly.pdbx_strand_id   A,B
#
loop_
_chem_comp.id
_chem_comp.type
_chem_comp.name
_chem_comp.formula
HEM non-polymer 'PROTOPORPHYRIN IX CONTAINING FE' 'C34 H32 Fe N4 O4'
SO4 non-polymer 'SULFATE ION' 'O4 S -2'
#
# COMPACT_ATOMS: atom_id res chain seq x y z
N SER A 7 -28.45 11.62 -3.91
CA SER A 7 -27.18 12.26 -3.59
C SER A 7 -27.15 12.75 -2.15
N LYS A 8 -26.67 11.89 -1.24
CA LYS A 8 -26.60 12.23 0.17
C LYS A 8 -25.39 13.09 0.52
N GLY A 9 -24.44 13.24 -0.39
CA GLY A 9 -23.28 14.08 -0.11
C GLY A 9 -22.40 13.60 1.01
N LYS A 10 -22.46 12.32 1.35
CA LYS A 10 -21.67 11.77 2.44
C LYS A 10 -21.13 10.41 2.04
N LEU A 11 -20.07 10.00 2.73
CA LEU A 11 -19.51 8.67 2.55
C LEU A 11 -20.50 7.61 3.02
N PRO A 12 -20.32 6.36 2.60
CA PRO A 12 -21.10 5.28 3.19
C PRO A 12 -20.88 5.23 4.69
N PRO A 13 -21.83 4.69 5.44
CA PRO A 13 -21.73 4.71 6.92
C PRO A 13 -20.48 4.01 7.40
N SER A 14 -19.96 4.46 8.53
CA SER A 14 -18.73 3.94 9.09
C SER A 14 -18.93 3.52 10.53
N PRO A 15 -18.15 2.55 11.02
CA PRO A 15 -18.24 2.18 12.44
C PRO A 15 -17.61 3.24 13.33
N LYS A 16 -17.77 3.03 14.62
CA LYS A 16 -17.15 3.84 15.66
C LYS A 16 -16.27 2.95 16.53
N PRO A 17 -15.13 3.48 17.01
CA PRO A 17 -14.67 4.84 16.76
C PRO A 17 -13.65 4.93 15.64
N ARG A 18 -13.55 6.11 15.01
CA ARG A 18 -12.47 6.39 14.09
C ARG A 18 -11.34 7.06 14.87
N LEU A 19 -10.14 6.48 14.79
CA LEU A 19 -9.03 6.98 15.58
C LEU A 19 -8.08 7.80 14.72
N PRO A 20 -7.40 8.81 15.32
CA PRO A 20 -6.61 9.77 14.54
C PRO A 20 -5.69 9.16 13.49
N PHE A 21 -4.72 8.34 13.89
CA PHE A 21 -3.71 7.89 12.94
C PHE A 21 -4.07 6.57 12.28
N ILE A 22 -4.70 5.65 13.02
CA ILE A 22 -4.95 4.31 12.50
C ILE A 22 -6.34 4.15 11.93
N GLY A 23 -7.20 5.15 12.06
CA GLY A 23 -8.56 5.05 11.55
C GLY A 23 -9.36 3.95 12.21
N HIS A 24 -9.72 2.92 11.43
CA HIS A 24 -10.46 1.78 11.95
C HIS A 24 -9.62 0.51 12.04
N LEU A 25 -8.30 0.62 11.85
CA LEU A 25 -7.46 -0.57 11.76
C LEU A 25 -7.47 -1.37 13.05
N HIS A 26 -7.75 -0.73 14.19
CA HIS A 26 -7.86 -1.45 15.45
C HIS A 26 -9.04 -2.41 15.48
N LEU A 27 -10.02 -2.23 14.58
CA LEU A 27 -11.17 -3.12 14.53
C LEU A 27 -10.89 -4.41 13.76
N LEU A 28 -9.82 -4.44 12.96
CA LEU A 28 -9.52 -5.60 12.14
C LEU A 28 -8.72 -6.60 12.99
N ASP A 29 -9.46 -7.34 13.81
CA ASP A 29 -8.86 -8.25 14.78
C ASP A 29 -8.84 -9.70 14.28
N ASN A 30 -8.98 -9.91 12.98
CA ASN A 30 -8.99 -11.27 12.45
C ASN A 30 -8.15 -11.34 11.18
N PRO A 31 -7.10 -12.17 11.17
CA PRO A 31 -6.30 -12.33 9.94
C PRO A 31 -7.12 -12.70 8.73
N LEU A 32 -8.22 -13.44 8.91
CA LEU A 32 -9.17 -13.72 7.84
C LEU A 32 -10.13 -12.53 7.76
N LEU A 33 -9.72 -11.52 7.01
CA LEU A 33 -10.41 -10.23 7.01
C LEU A 33 -11.87 -10.37 6.62
N HIS A 34 -12.17 -11.25 5.66
CA HIS A 34 -13.54 -11.35 5.14
C HIS A 34 -14.53 -11.77 6.21
N HIS A 35 -14.08 -12.45 7.27
CA HIS A 35 -14.97 -12.75 8.38
C HIS A 35 -15.33 -11.49 9.15
N THR A 36 -14.35 -10.61 9.39
CA THR A 36 -14.63 -9.35 10.06
C THR A 36 -15.51 -8.45 9.22
N LEU A 37 -15.27 -8.42 7.90
CA LEU A 37 -16.07 -7.57 7.03
C LEU A 37 -17.53 -8.01 7.00
N ILE A 38 -17.79 -9.30 7.18
CA ILE A 38 -19.18 -9.77 7.25
C ILE A 38 -19.86 -9.27 8.51
N LYS A 39 -19.19 -9.43 9.67
CA LYS A 39 -19.76 -8.97 10.93
C LYS A 39 -20.07 -7.47 10.88
N LEU A 40 -19.15 -6.68 10.33
CA LEU A 40 -19.40 -5.25 10.20
C LEU A 40 -20.54 -4.97 9.22
N GLY A 41 -20.60 -5.74 8.14
CA GLY A 41 -21.68 -5.55 7.17
C GLY A 41 -23.05 -5.82 7.75
N LYS A 42 -23.15 -6.74 8.71
CA LYS A 42 -24.44 -7.04 9.32
C LYS A 42 -25.01 -5.83 10.05
N ARG A 43 -24.15 -5.00 10.64
CA ARG A 43 -24.62 -3.83 11.37
C ARG A 43 -24.75 -2.59 10.48
N TYR A 44 -23.78 -2.34 9.60
CA TYR A 44 -23.73 -1.10 8.85
C TYR A 44 -24.23 -1.24 7.42
N GLY A 45 -24.63 -2.43 6.99
CA GLY A 45 -25.27 -2.60 5.71
C GLY A 45 -24.34 -3.09 4.62
N PRO A 46 -24.84 -3.16 3.39
CA PRO A 46 -24.05 -3.73 2.29
C PRO A 46 -22.96 -2.83 1.76
N LEU A 47 -22.94 -1.55 2.13
CA LEU A 47 -21.91 -0.63 1.69
C LEU A 47 -21.54 0.26 2.86
N TYR A 48 -20.30 0.16 3.33
CA TYR A 48 -19.86 0.94 4.47
C TYR A 48 -18.40 1.33 4.28
N THR A 49 -17.95 2.27 5.10
CA THR A 49 -16.63 2.88 4.98
C THR A 49 -15.78 2.50 6.18
N LEU A 50 -14.55 2.06 5.92
CA LEU A 50 -13.52 1.91 6.93
C LEU A 50 -12.32 2.78 6.54
N TYR A 51 -11.61 3.29 7.53
CA TYR A 51 -10.38 4.04 7.31
C TYR A 51 -9.20 3.14 7.60
N PHE A 52 -8.46 2.76 6.55
CA PHE A 52 -7.19 2.05 6.72
C PHE A 52 -6.15 3.13 6.93
N GLY A 53 -5.89 3.44 8.19
CA GLY A 53 -5.11 4.62 8.51
C GLY A 53 -5.88 5.86 8.11
N SER A 54 -5.32 6.66 7.20
CA SER A 54 -6.01 7.81 6.66
C SER A 54 -6.72 7.52 5.34
N MET A 55 -6.63 6.29 4.82
CA MET A 55 -7.19 5.98 3.52
C MET A 55 -8.63 5.51 3.67
N PRO A 56 -9.61 6.19 3.06
CA PRO A 56 -10.98 5.69 3.10
C PRO A 56 -11.11 4.43 2.26
N THR A 57 -11.76 3.43 2.83
CA THR A 57 -11.94 2.14 2.16
C THR A 57 -13.41 1.77 2.24
N VAL A 58 -14.04 1.57 1.09
CA VAL A 58 -15.46 1.26 1.01
C VAL A 58 -15.61 -0.22 0.75
N VAL A 59 -16.47 -0.88 1.53
CA VAL A 59 -16.66 -2.32 1.48
C VAL A 59 -18.07 -2.60 0.96
N ALA A 60 -18.16 -3.31 -0.16
CA ALA A 60 -19.42 -3.65 -0.78
C ALA A 60 -19.64 -5.16 -0.75
N SER A 61 -20.90 -5.58 -0.63
CA SER A 61 -21.18 -7.00 -0.48
C SER A 61 -22.51 -7.39 -1.14
N THR A 62 -22.83 -6.77 -2.27
CA THR A 62 -23.89 -7.27 -3.13
C THR A 62 -23.41 -7.26 -4.57
N PRO A 63 -23.94 -8.16 -5.40
CA PRO A 63 -23.59 -8.12 -6.84
C PRO A 63 -23.95 -6.81 -7.50
N ASP A 64 -25.08 -6.20 -7.13
CA ASP A 64 -25.47 -4.92 -7.72
C ASP A 64 -24.47 -3.83 -7.40
N LEU A 65 -23.92 -3.83 -6.19
CA LEU A 65 -22.90 -2.84 -5.84
C LEU A 65 -21.63 -3.07 -6.65
N PHE A 66 -21.26 -4.33 -6.87
CA PHE A 66 -20.08 -4.62 -7.69
C PHE A 66 -20.25 -4.02 -9.08
N LYS A 67 -21.43 -4.20 -9.68
CA LYS A 67 -21.67 -3.69 -11.04
C LYS A 67 -21.62 -2.17 -11.08
N LEU A 68 -22.12 -1.50 -10.03
CA LEU A 68 -22.09 -0.05 -10.01
C LEU A 68 -20.66 0.47 -10.01
N PHE A 69 -19.74 -0.22 -9.34
CA PHE A 69 -18.35 0.20 -9.31
C PHE A 69 -17.63 -0.06 -10.62
N LEU A 70 -18.20 -0.85 -11.52
CA LEU A 70 -17.56 -1.17 -12.80
C LEU A 70 -18.07 -0.31 -13.95
N GLN A 71 -18.92 0.66 -13.69
CA GLN A 71 -19.51 1.46 -14.75
C GLN A 71 -18.62 2.66 -15.10
N THR A 72 -18.95 3.31 -16.21
CA THR A 72 -18.18 4.42 -16.75
C THR A 72 -18.75 5.76 -16.26
N HIS A 73 -17.86 6.71 -16.04
CA HIS A 73 -18.26 8.06 -15.65
C HIS A 73 -18.13 9.03 -16.83
N SER A 85 -14.38 7.17 -18.70
CA SER A 85 -13.45 6.54 -17.76
C SER A 85 -14.20 5.80 -16.65
N ALA A 86 -13.78 4.58 -16.37
CA ALA A 86 -14.39 3.80 -15.30
C ALA A 86 -14.03 4.40 -13.95
N ILE A 87 -14.98 4.34 -13.01
CA ILE A 87 -14.77 4.94 -11.70
C ILE A 87 -13.91 4.08 -10.78
N SER A 88 -13.61 2.84 -11.17
CA SER A 88 -12.71 2.00 -10.40
C SER A 88 -11.79 1.24 -11.36
N ARG A 89 -10.62 0.88 -10.85
CA ARG A 89 -9.60 0.21 -11.64
C ARG A 89 -9.03 -0.95 -10.84
N LEU A 90 -8.43 -1.89 -11.55
CA LEU A 90 -7.62 -2.93 -10.90
C LEU A 90 -6.47 -2.29 -10.13
N THR A 91 -6.05 -2.97 -9.06
CA THR A 91 -4.83 -2.56 -8.38
C THR A 91 -3.64 -3.32 -8.93
N TYR A 92 -2.45 -2.87 -8.54
CA TYR A 92 -1.20 -3.52 -8.94
C TYR A 92 -0.78 -4.63 -7.98
N ASP A 93 -1.74 -5.28 -7.30
CA ASP A 93 -1.40 -6.45 -6.51
C ASP A 93 -0.87 -7.59 -7.35
N ASN A 94 -1.17 -7.59 -8.65
CA ASN A 94 -0.57 -8.55 -9.58
C ASN A 94 -0.50 -7.88 -10.95
N SER A 95 0.01 -8.62 -11.93
CA SER A 95 0.35 -8.05 -13.23
C SER A 95 -0.85 -7.91 -14.16
N VAL A 96 -2.06 -8.29 -13.74
CA VAL A 96 -3.21 -8.14 -14.63
C VAL A 96 -3.48 -6.67 -14.91
N ALA A 97 -3.18 -5.79 -13.94
CA ALA A 97 -3.33 -4.36 -14.15
C ALA A 97 -2.45 -3.83 -15.30
N MET A 98 -1.41 -4.58 -15.68
CA MET A 98 -0.58 -4.13 -16.79
C MET A 98 -1.34 -4.12 -18.10
N VAL A 99 -2.39 -4.94 -18.21
CA VAL A 99 -3.13 -5.03 -19.48
C VAL A 99 -3.74 -3.70 -19.89
N PRO A 100 -4.51 -3.00 -19.05
CA PRO A 100 -5.03 -1.69 -19.48
C PRO A 100 -4.03 -0.55 -19.35
N PHE A 101 -2.98 -0.68 -18.54
CA PHE A 101 -2.18 0.47 -18.14
C PHE A 101 -0.74 0.46 -18.64
N ALA A 102 -0.14 -0.69 -18.89
CA ALA A 102 1.28 -0.70 -19.27
C ALA A 102 1.42 -0.34 -20.75
N PRO A 103 2.33 0.59 -21.08
CA PRO A 103 2.45 1.00 -22.49
C PRO A 103 2.95 -0.09 -23.42
N TYR A 104 3.83 -0.99 -22.96
CA TYR A 104 4.31 -2.02 -23.86
C TYR A 104 3.29 -3.12 -24.11
N TRP A 105 2.19 -3.13 -23.36
CA TRP A 105 1.08 -4.02 -23.68
C TRP A 105 0.27 -3.53 -24.87
N LYS A 106 0.53 -2.31 -25.35
CA LYS A 106 -0.10 -1.88 -26.60
C LYS A 106 0.31 -2.77 -27.77
N PHE A 107 1.50 -3.37 -27.70
CA PHE A 107 1.92 -4.33 -28.70
C PHE A 107 0.99 -5.54 -28.72
N ILE A 108 0.64 -6.06 -27.54
CA ILE A 108 -0.28 -7.19 -27.46
C ILE A 108 -1.64 -6.82 -28.05
N ARG A 109 -2.11 -5.60 -27.76
CA ARG A 109 -3.42 -5.20 -28.23
C ARG A 109 -3.46 -5.11 -29.76
N LYS A 110 -2.36 -4.68 -30.37
CA LYS A 110 -2.31 -4.60 -31.84
C LYS A 110 -2.33 -5.99 -32.46
N LEU A 111 -1.65 -6.95 -31.83
CA LEU A 111 -1.69 -8.33 -32.34
C LEU A 111 -3.10 -8.90 -32.24
N ILE A 112 -3.83 -8.54 -31.19
CA ILE A 112 -5.19 -9.03 -31.03
C ILE A 112 -6.11 -8.42 -32.08
N MET A 113 -6.04 -7.10 -32.26
CA MET A 113 -6.92 -6.43 -33.21
C MET A 113 -6.63 -6.86 -34.65
N ASN A 114 -5.42 -7.31 -34.94
CA ASN A 114 -5.05 -7.77 -36.27
C ASN A 114 -5.21 -9.27 -36.44
N ASP A 115 -5.89 -9.94 -35.51
CA ASP A 115 -6.16 -11.38 -35.57
C ASP A 115 -4.88 -12.21 -35.64
N LEU A 116 -3.76 -11.65 -35.17
CA LEU A 116 -2.51 -12.40 -35.10
C LEU A 116 -2.37 -13.15 -33.78
N LEU A 117 -3.11 -12.74 -32.75
CA LEU A 117 -3.19 -13.42 -31.48
C LEU A 117 -4.65 -13.58 -31.12
N ASN A 118 -5.11 -14.83 -31.03
CA ASN A 118 -6.54 -15.10 -30.87
C ASN A 118 -6.71 -16.37 -30.05
N ALA A 119 -7.97 -16.81 -29.94
CA ALA A 119 -8.26 -18.00 -29.15
C ALA A 119 -7.59 -19.24 -29.73
N THR A 120 -7.40 -19.27 -31.05
CA THR A 120 -6.70 -20.39 -31.67
C THR A 120 -5.28 -20.53 -31.12
N THR A 121 -4.63 -19.41 -30.82
CA THR A 121 -3.30 -19.47 -30.22
C THR A 121 -3.31 -20.28 -28.92
N VAL A 122 -4.31 -20.06 -28.07
CA VAL A 122 -4.39 -20.78 -26.81
C VAL A 122 -4.82 -22.23 -27.05
N ASN A 123 -5.69 -22.45 -28.04
CA ASN A 123 -6.16 -23.80 -28.31
C ASN A 123 -5.02 -24.70 -28.81
N LYS A 124 -4.11 -24.14 -29.61
CA LYS A 124 -3.00 -24.93 -30.13
C LYS A 124 -2.01 -25.34 -29.06
N LEU A 125 -2.08 -24.76 -27.87
CA LEU A 125 -1.22 -25.16 -26.75
C LEU A 125 -1.80 -26.34 -25.98
N ARG A 126 -2.94 -26.88 -26.40
CA ARG A 126 -3.58 -27.96 -25.65
C ARG A 126 -2.71 -29.20 -25.48
N PRO A 127 -1.96 -29.67 -26.49
CA PRO A 127 -1.09 -30.83 -26.24
C PRO A 127 -0.09 -30.62 -25.12
N LEU A 128 0.47 -29.40 -25.00
CA LEU A 128 1.36 -29.10 -23.89
C LEU A 128 0.62 -29.23 -22.56
N ARG A 129 -0.61 -28.68 -22.50
CA ARG A 129 -1.40 -28.79 -21.27
C ARG A 129 -1.72 -30.24 -20.95
N SER A 130 -1.99 -31.05 -21.98
CA SER A 130 -2.33 -32.45 -21.74
C SER A 130 -1.15 -33.21 -21.14
N ARG A 131 0.07 -32.94 -21.64
CA ARG A 131 1.24 -33.64 -21.11
C ARG A 131 1.53 -33.24 -19.67
N GLU A 132 1.27 -31.99 -19.29
CA GLU A 132 1.44 -31.60 -17.90
C GLU A 132 0.41 -32.28 -17.00
N ILE A 133 -0.82 -32.44 -17.49
CA ILE A 133 -1.83 -33.18 -16.74
C ILE A 133 -1.39 -34.63 -16.55
N LEU A 134 -0.87 -35.24 -17.63
CA LEU A 134 -0.45 -36.64 -17.55
C LEU A 134 0.66 -36.83 -16.53
N LYS A 135 1.58 -35.87 -16.45
CA LYS A 135 2.66 -35.96 -15.47
C LYS A 135 2.12 -36.08 -14.05
N VAL A 136 1.07 -35.31 -13.73
CA VAL A 136 0.49 -35.37 -12.40
C VAL A 136 -0.18 -36.72 -12.17
N LEU A 137 -0.93 -37.20 -13.16
CA LEU A 137 -1.60 -38.50 -13.03
C LEU A 137 -0.58 -39.61 -12.82
N LYS A 138 0.59 -39.51 -13.46
CA LYS A 138 1.62 -40.53 -13.28
C LYS A 138 2.25 -40.47 -11.90
N VAL A 139 2.41 -39.27 -11.34
CA VAL A 139 2.86 -39.14 -9.96
C VAL A 139 1.86 -39.80 -9.02
N MET A 140 0.56 -39.52 -9.23
CA MET A 140 -0.46 -40.15 -8.41
C MET A 140 -0.47 -41.66 -8.60
N ALA A 141 -0.29 -42.12 -9.83
CA ALA A 141 -0.22 -43.56 -10.08
C ALA A 141 0.91 -44.21 -9.28
N ASN A 142 2.05 -43.53 -9.19
CA ASN A 142 3.17 -44.07 -8.40
C ASN A 142 2.80 -44.14 -6.92
N SER A 143 2.16 -43.08 -6.40
CA SER A 143 1.74 -43.10 -4.99
C SER A 143 0.67 -44.15 -4.75
N ALA A 144 -0.18 -44.42 -5.74
CA ALA A 144 -1.14 -45.51 -5.61
C ALA A 144 -0.43 -46.85 -5.47
N GLU A 145 0.66 -47.05 -6.24
CA GLU A 145 1.37 -48.32 -6.19
C GLU A 145 2.08 -48.51 -4.85
N THR A 146 2.68 -47.45 -4.32
CA THR A 146 3.33 -47.53 -3.02
C THR A 146 2.34 -47.40 -1.86
N GLN A 147 1.12 -46.95 -2.13
CA GLN A 147 0.15 -46.63 -1.09
C GLN A 147 0.76 -45.71 -0.03
N GLN A 148 1.44 -44.67 -0.51
CA GLN A 148 2.04 -43.67 0.34
C GLN A 148 1.30 -42.34 0.21
N PRO A 149 1.22 -41.57 1.29
CA PRO A 149 0.55 -40.26 1.19
C PRO A 149 1.25 -39.36 0.19
N LEU A 150 0.44 -38.64 -0.59
CA LEU A 150 0.94 -37.68 -1.56
C LEU A 150 0.52 -36.28 -1.13
N ASP A 151 1.46 -35.34 -1.17
CA ASP A 151 1.15 -33.94 -0.90
C ASP A 151 0.57 -33.34 -2.17
N VAL A 152 -0.76 -33.35 -2.26
CA VAL A 152 -1.43 -32.86 -3.46
C VAL A 152 -1.27 -31.35 -3.59
N THR A 153 -1.21 -30.64 -2.48
CA THR A 153 -0.92 -29.20 -2.51
C THR A 153 0.37 -28.92 -3.27
N GLU A 154 1.45 -29.62 -2.90
CA GLU A 154 2.73 -29.43 -3.57
C GLU A 154 2.65 -29.81 -5.05
N GLU A 155 1.93 -30.90 -5.37
CA GLU A 155 1.85 -31.31 -6.77
C GLU A 155 1.04 -30.32 -7.60
N LEU A 156 0.00 -29.72 -7.01
CA LEU A 156 -0.79 -28.74 -7.76
C LEU A 156 -0.01 -27.44 -7.97
N LEU A 157 0.84 -27.06 -7.02
CA LEU A 157 1.69 -25.89 -7.21
C LEU A 157 2.70 -26.11 -8.32
N LYS A 158 3.33 -27.29 -8.34
CA LYS A 158 4.26 -27.61 -9.42
C LYS A 158 3.53 -27.74 -10.76
N TRP A 159 2.31 -28.27 -10.74
CA TRP A 159 1.56 -28.44 -11.98
C TRP A 159 1.26 -27.08 -12.62
N THR A 160 0.68 -26.15 -11.86
CA THR A 160 0.33 -24.86 -12.42
C THR A 160 1.59 -24.08 -12.83
N ASN A 161 2.64 -24.14 -12.00
CA ASN A 161 3.86 -23.42 -12.32
C ASN A 161 4.51 -23.96 -13.59
N SER A 162 4.54 -25.29 -13.75
CA SER A 162 5.16 -25.87 -14.93
C SER A 162 4.31 -25.64 -16.17
N THR A 163 2.98 -25.75 -16.05
CA THR A 163 2.11 -25.56 -17.21
C THR A 163 2.21 -24.15 -17.75
N ILE A 164 2.23 -23.16 -16.85
CA ILE A 164 2.41 -21.76 -17.26
C ILE A 164 3.75 -21.61 -17.98
N SER A 165 4.83 -22.11 -17.38
CA SER A 165 6.14 -21.91 -17.96
C SER A 165 6.32 -22.68 -19.27
N THR A 166 5.71 -23.88 -19.38
CA THR A 166 5.86 -24.64 -20.62
C THR A 166 5.01 -24.07 -21.75
N MET A 167 3.80 -23.61 -21.44
CA MET A 167 2.99 -22.94 -22.47
C MET A 167 3.69 -21.69 -22.98
N MET A 168 4.32 -20.94 -22.08
CA MET A 168 4.95 -19.68 -22.45
C MET A 168 6.25 -19.89 -23.20
N LEU A 169 7.09 -20.81 -22.74
CA LEU A 169 8.47 -20.90 -23.20
C LEU A 169 8.88 -22.22 -23.84
N GLY A 170 8.16 -23.32 -23.57
CA GLY A 170 8.43 -24.58 -24.22
C GLY A 170 8.95 -25.64 -23.26
N GLU A 171 9.26 -26.79 -23.85
CA GLU A 171 9.66 -27.98 -23.11
C GLU A 171 11.17 -28.11 -22.94
N ALA A 172 11.94 -27.10 -23.35
CA ALA A 172 13.39 -27.16 -23.22
C ALA A 172 13.80 -27.28 -21.75
N GLU A 173 14.98 -27.86 -21.52
CA GLU A 173 15.45 -28.04 -20.16
C GLU A 173 15.77 -26.70 -19.50
N GLU A 174 16.15 -25.70 -20.30
CA GLU A 174 16.35 -24.36 -19.76
C GLU A 174 15.05 -23.77 -19.21
N VAL A 175 13.91 -24.21 -19.74
CA VAL A 175 12.63 -23.76 -19.20
C VAL A 175 12.30 -24.51 -17.92
N ARG A 176 12.68 -25.79 -17.83
CA ARG A 176 12.57 -26.50 -16.56
C ARG A 176 13.38 -25.79 -15.48
N ASP A 177 14.54 -25.25 -15.84
CA ASP A 177 15.35 -24.52 -14.86
C ASP A 177 14.69 -23.21 -14.45
N ILE A 178 14.10 -22.49 -15.40
CA ILE A 178 13.45 -21.23 -15.04
C ILE A 178 12.18 -21.48 -14.24
N ALA A 179 11.51 -22.61 -14.48
CA ALA A 179 10.31 -22.94 -13.72
C ALA A 179 10.65 -23.19 -12.26
N ARG A 180 11.74 -23.93 -12.01
CA ARG A 180 12.17 -24.16 -10.63
C ARG A 180 12.60 -22.87 -9.96
N ASP A 181 13.24 -21.96 -10.71
CA ASP A 181 13.66 -20.69 -10.15
C ASP A 181 12.45 -19.79 -9.85
N VAL A 182 11.50 -19.73 -10.77
CA VAL A 182 10.29 -18.91 -10.55
C VAL A 182 9.53 -19.41 -9.33
N LEU A 183 9.45 -20.72 -9.15
CA LEU A 183 8.77 -21.27 -7.98
C LEU A 183 9.49 -20.88 -6.70
N LYS A 184 10.83 -20.85 -6.74
CA LYS A 184 11.59 -20.40 -5.57
C LYS A 184 11.38 -18.92 -5.30
N ILE A 185 11.35 -18.10 -6.35
CA ILE A 185 11.04 -16.68 -6.17
C ILE A 185 9.65 -16.51 -5.58
N PHE A 186 8.67 -17.27 -6.09
CA PHE A 186 7.33 -17.24 -5.52
C PHE A 186 7.35 -17.63 -4.04
N GLY A 187 8.23 -18.56 -3.67
CA GLY A 187 8.36 -18.92 -2.26
C GLY A 187 8.84 -17.75 -1.41
N GLU A 188 9.83 -17.00 -1.90
CA GLU A 188 10.31 -15.83 -1.18
C GLU A 188 9.28 -14.70 -1.21
N TYR A 189 8.43 -14.67 -2.24
CA TYR A 189 7.37 -13.67 -2.31
C TYR A 189 6.25 -13.94 -1.32
N SER A 190 6.04 -15.22 -0.98
CA SER A 190 4.97 -15.59 -0.08
C SER A 190 5.35 -15.45 1.39
N VAL A 191 6.65 -15.46 1.71
CA VAL A 191 7.06 -15.28 3.10
C VAL A 191 7.04 -13.82 3.53
N THR A 192 7.16 -12.88 2.59
CA THR A 192 6.96 -11.47 2.90
C THR A 192 5.49 -11.12 3.13
N ASN A 193 4.59 -12.08 2.92
CA ASN A 193 3.17 -11.86 3.11
C ASN A 193 2.80 -12.00 4.58
N PHE A 194 1.96 -11.09 5.05
CA PHE A 194 1.34 -11.25 6.36
C PHE A 194 -0.10 -11.69 6.17
N ILE A 195 -0.95 -10.74 5.78
CA ILE A 195 -2.25 -11.04 5.19
C ILE A 195 -2.25 -10.73 3.70
N TRP A 196 -1.80 -9.56 3.33
CA TRP A 196 -1.65 -9.26 1.91
C TRP A 196 -0.18 -9.22 1.54
N PRO A 197 0.17 -9.56 0.30
CA PRO A 197 1.58 -9.68 -0.07
C PRO A 197 2.29 -8.34 0.01
N LEU A 198 3.59 -8.40 0.31
CA LEU A 198 4.45 -7.23 0.45
C LEU A 198 3.85 -6.26 1.46
N ASN A 199 3.62 -6.77 2.67
CA ASN A 199 3.19 -5.97 3.81
C ASN A 199 4.17 -6.01 4.97
N LYS A 200 4.84 -7.14 5.20
CA LYS A 200 5.91 -7.25 6.16
C LYS A 200 7.29 -7.16 5.51
N PHE A 201 7.35 -6.69 4.26
CA PHE A 201 8.61 -6.58 3.55
C PHE A 201 9.52 -5.57 4.21
N LYS A 202 10.79 -5.92 4.32
CA LYS A 202 11.79 -5.01 4.87
C LYS A 202 13.00 -4.95 3.96
N PHE A 203 13.56 -3.75 3.82
CA PHE A 203 14.74 -3.56 2.99
C PHE A 203 15.96 -4.20 3.65
N GLY A 204 16.25 -5.44 3.29
CA GLY A 204 17.33 -6.18 3.91
C GLY A 204 18.37 -6.69 2.94
N ASN A 205 19.22 -7.62 3.40
CA ASN A 205 20.31 -8.11 2.58
C ASN A 205 20.16 -9.54 2.10
N TYR A 206 19.12 -10.23 2.58
CA TYR A 206 18.82 -11.62 2.20
C TYR A 206 20.03 -12.48 2.60
N ASP A 207 20.39 -13.48 1.79
CA ASP A 207 21.57 -14.30 2.06
C ASP A 207 22.06 -14.86 0.74
N LYS A 208 23.17 -15.61 0.80
CA LYS A 208 23.74 -16.20 -0.41
C LYS A 208 22.78 -17.21 -1.04
N ARG A 209 21.94 -17.84 -0.24
CA ARG A 209 20.97 -18.78 -0.80
C ARG A 209 19.90 -18.08 -1.62
N THR A 210 19.30 -17.03 -1.06
CA THR A 210 18.27 -16.29 -1.77
C THR A 210 18.88 -15.44 -2.88
N GLU A 211 20.12 -14.98 -2.72
CA GLU A 211 20.77 -14.19 -3.75
C GLU A 211 20.92 -14.99 -5.04
N GLU A 212 21.35 -16.25 -4.93
CA GLU A 212 21.53 -17.07 -6.12
C GLU A 212 20.20 -17.34 -6.81
N ILE A 213 19.11 -17.43 -6.05
CA ILE A 213 17.79 -17.57 -6.65
C ILE A 213 17.48 -16.37 -7.54
N PHE A 214 17.77 -15.17 -7.05
CA PHE A 214 17.44 -13.97 -7.80
C PHE A 214 18.33 -13.79 -9.03
N ASN A 215 19.63 -14.04 -8.87
CA ASN A 215 20.58 -13.82 -9.96
C ASN A 215 20.45 -14.86 -11.08
N LYS A 216 19.76 -15.97 -10.85
CA LYS A 216 19.62 -16.99 -11.87
C LYS A 216 18.58 -16.64 -12.93
N TYR A 217 17.63 -15.77 -12.62
CA TYR A 217 16.49 -15.56 -13.51
C TYR A 217 16.91 -14.89 -14.82
N ASP A 218 17.51 -13.71 -14.73
CA ASP A 218 17.78 -12.93 -15.94
C ASP A 218 18.66 -13.65 -16.96
N PRO A 219 19.77 -14.30 -16.59
CA PRO A 219 20.55 -15.01 -17.61
C PRO A 219 19.82 -16.19 -18.22
N ILE A 220 18.94 -16.86 -17.47
CA ILE A 220 18.23 -18.01 -18.01
C ILE A 220 17.17 -17.55 -19.01
N ILE A 221 16.40 -16.52 -18.66
CA ILE A 221 15.36 -16.05 -19.58
C ILE A 221 15.99 -15.48 -20.85
N GLU A 222 17.15 -14.84 -20.73
CA GLU A 222 17.81 -14.29 -21.91
C GLU A 222 18.22 -15.41 -22.86
N LYS A 223 18.70 -16.53 -22.33
CA LYS A 223 19.07 -17.66 -23.18
C LYS A 223 17.84 -18.30 -23.82
N VAL A 224 16.74 -18.40 -23.06
CA VAL A 224 15.52 -18.98 -23.62
C VAL A 224 14.99 -18.13 -24.76
N ILE A 225 14.98 -16.80 -24.58
CA ILE A 225 14.52 -15.92 -25.64
C ILE A 225 15.43 -16.02 -26.87
N LYS A 226 16.73 -16.17 -26.65
CA LYS A 226 17.66 -16.34 -27.76
C LYS A 226 17.37 -17.64 -28.51
N LYS A 227 17.16 -18.73 -27.78
CA LYS A 227 16.90 -20.02 -28.42
C LYS A 227 15.55 -20.02 -29.13
N ARG A 228 14.58 -19.26 -28.63
CA ARG A 228 13.30 -19.17 -29.31
C ARG A 228 13.33 -18.20 -30.48
N GLN A 229 14.17 -17.16 -30.42
CA GLN A 229 14.26 -16.21 -31.52
C GLN A 229 14.87 -16.86 -32.76
N GLU A 230 15.83 -17.75 -32.58
CA GLU A 230 16.42 -18.42 -33.74
C GLU A 230 15.46 -19.43 -34.35
N ILE A 231 14.62 -20.06 -33.53
CA ILE A 231 13.57 -20.93 -34.07
C ILE A 231 12.60 -20.13 -34.91
N VAL A 232 12.22 -18.93 -34.42
CA VAL A 232 11.31 -18.07 -35.18
C VAL A 232 11.96 -17.62 -36.47
N ASN A 233 13.24 -17.23 -36.42
CA ASN A 233 13.93 -16.79 -37.62
C ASN A 233 14.06 -17.91 -38.64
N LYS A 234 14.41 -19.12 -38.17
CA LYS A 234 14.54 -20.26 -39.08
C LYS A 234 13.20 -20.63 -39.70
N ARG A 235 12.10 -20.45 -38.96
CA ARG A 235 10.78 -20.69 -39.54
C ARG A 235 10.39 -19.58 -40.50
N LYS A 236 10.79 -18.34 -40.21
CA LYS A 236 10.44 -17.22 -41.08
C LYS A 236 11.17 -17.31 -42.41
N ASN A 237 12.48 -17.58 -42.37
CA ASN A 237 13.27 -17.69 -43.58
C ASN A 237 12.97 -18.94 -44.39
N GLY A 238 12.00 -19.75 -43.98
CA GLY A 238 11.64 -20.95 -44.70
C GLY A 238 12.46 -22.17 -44.35
N GLU A 239 13.49 -22.03 -43.53
CA GLU A 239 14.31 -23.16 -43.18
C GLU A 239 13.56 -24.17 -42.32
N ILE A 240 13.88 -25.44 -42.53
CA ILE A 240 13.25 -26.49 -41.75
C ILE A 240 13.79 -26.56 -40.33
N VAL A 241 12.92 -26.90 -39.40
CA VAL A 241 13.26 -27.03 -37.99
C VAL A 241 12.88 -28.42 -37.52
N GLU A 242 13.77 -29.05 -36.77
CA GLU A 242 13.52 -30.38 -36.25
C GLU A 242 13.94 -30.49 -34.80
N GLY A 243 13.21 -31.34 -34.07
CA GLY A 243 13.48 -31.55 -32.66
C GLY A 243 12.28 -31.31 -31.78
N GLU A 244 11.90 -30.04 -31.60
CA GLU A 244 10.75 -29.66 -30.80
C GLU A 244 9.79 -28.89 -31.70
N GLN A 245 8.80 -29.60 -32.25
CA GLN A 245 7.81 -29.00 -33.12
C GLN A 245 6.73 -28.20 -32.44
N ASN A 246 6.71 -28.18 -31.11
CA ASN A 246 5.68 -27.43 -30.39
C ASN A 246 5.96 -25.94 -30.47
N VAL A 247 4.95 -25.18 -30.88
CA VAL A 247 5.05 -23.73 -30.95
C VAL A 247 4.61 -23.15 -29.62
N VAL A 248 5.46 -22.30 -29.04
CA VAL A 248 5.22 -21.74 -27.73
C VAL A 248 4.63 -20.35 -27.88
N PHE A 249 4.04 -19.84 -26.79
CA PHE A 249 3.38 -18.54 -26.87
C PHE A 249 4.37 -17.43 -27.22
N LEU A 250 5.58 -17.49 -26.66
CA LEU A 250 6.56 -16.45 -26.91
C LEU A 250 6.93 -16.38 -28.40
N ASP A 251 6.86 -17.50 -29.12
CA ASP A 251 7.18 -17.50 -30.54
C ASP A 251 6.25 -16.58 -31.31
N THR A 252 4.98 -16.53 -30.93
CA THR A 252 4.03 -15.64 -31.60
C THR A 252 4.40 -14.18 -31.36
N LEU A 253 4.85 -13.85 -30.14
CA LEU A 253 5.28 -12.49 -29.85
C LEU A 253 6.55 -12.13 -30.61
N LEU A 254 7.53 -13.05 -30.65
CA LEU A 254 8.78 -12.77 -31.33
C LEU A 254 8.60 -12.71 -32.84
N GLU A 255 7.61 -13.43 -33.38
CA GLU A 255 7.40 -13.46 -34.82
C GLU A 255 7.00 -12.09 -35.37
N PHE A 256 6.32 -11.28 -34.55
CA PHE A 256 5.88 -9.96 -34.97
C PHE A 256 6.57 -8.84 -34.19
N ALA A 257 7.59 -9.17 -33.41
CA ALA A 257 8.27 -8.16 -32.59
C ALA A 257 9.02 -7.15 -33.46
N GLN A 258 9.48 -7.55 -34.63
CA GLN A 258 10.25 -6.66 -35.48
C GLN A 258 9.68 -6.47 -36.86
N ASP A 259 8.35 -6.43 -36.96
CA ASP A 259 7.70 -6.23 -38.24
C ASP A 259 7.87 -4.80 -38.71
N GLU A 260 7.57 -4.57 -39.99
CA GLU A 260 7.68 -3.25 -40.58
C GLU A 260 6.35 -2.71 -41.07
N ILE A 266 8.88 -3.59 -30.59
CA ILE A 266 9.05 -3.88 -29.18
C ILE A 266 10.48 -4.36 -28.92
N THR A 267 11.07 -3.91 -27.82
CA THR A 267 12.46 -4.19 -27.52
C THR A 267 12.60 -5.49 -26.74
N LYS A 268 13.85 -5.98 -26.65
CA LYS A 268 14.13 -7.17 -25.85
C LYS A 268 13.76 -6.96 -24.40
N GLU A 269 14.04 -5.77 -23.86
CA GLU A 269 13.71 -5.47 -22.48
C GLU A 269 12.20 -5.53 -22.24
N GLN A 270 11.42 -5.02 -23.20
CA GLN A 270 9.97 -5.04 -23.06
C GLN A 270 9.41 -6.44 -23.22
N ILE A 271 10.05 -7.28 -24.05
CA ILE A 271 9.68 -8.69 -24.11
C ILE A 271 9.89 -9.35 -22.75
N LYS A 272 11.06 -9.12 -22.14
CA LYS A 272 11.31 -9.64 -20.81
C LYS A 272 10.29 -9.12 -19.81
N GLY A 273 9.82 -7.88 -19.99
CA GLY A 273 8.78 -7.35 -19.11
C GLY A 273 7.46 -8.09 -19.29
N LEU A 274 7.10 -8.41 -20.53
CA LEU A 274 5.91 -9.22 -20.77
C LEU A 274 6.04 -10.58 -20.09
N VAL A 275 7.21 -11.20 -20.17
CA VAL A 275 7.42 -12.49 -19.52
C VAL A 275 7.25 -12.36 -18.01
N VAL A 276 7.77 -11.29 -17.41
CA VAL A 276 7.55 -11.07 -15.99
C VAL A 276 6.06 -10.98 -15.68
N ASP A 277 5.32 -10.23 -16.51
CA ASP A 277 3.88 -10.10 -16.29
C ASP A 277 3.18 -11.46 -16.44
N PHE A 278 3.65 -12.29 -17.37
CA PHE A 278 3.02 -13.58 -17.59
C PHE A 278 3.19 -14.52 -16.40
N PHE A 279 4.30 -14.38 -15.66
CA PHE A 279 4.56 -15.22 -14.49
C PHE A 279 3.88 -14.73 -13.21
N SER A 280 3.39 -13.49 -13.18
CA SER A 280 2.98 -12.88 -11.91
C SER A 280 1.54 -12.39 -11.94
N ALA A 281 0.67 -13.08 -12.67
CA ALA A 281 -0.73 -12.71 -12.77
C ALA A 281 -1.63 -13.53 -11.85
N GLY A 282 -1.06 -14.37 -10.99
CA GLY A 282 -1.87 -15.15 -10.07
C GLY A 282 -2.01 -16.61 -10.45
N THR A 283 -0.91 -17.22 -10.91
CA THR A 283 -0.92 -18.63 -11.26
C THR A 283 -1.40 -19.49 -10.11
N ASP A 284 -1.03 -19.12 -8.88
CA ASP A 284 -1.36 -19.94 -7.71
C ASP A 284 -2.86 -20.01 -7.44
N SER A 285 -3.65 -19.06 -7.98
CA SER A 285 -5.10 -19.11 -7.78
C SER A 285 -5.69 -20.41 -8.32
N THR A 286 -5.17 -20.89 -9.45
CA THR A 286 -5.69 -22.14 -10.02
C THR A 286 -5.31 -23.34 -9.16
N ALA A 287 -4.09 -23.35 -8.63
CA ALA A 287 -3.71 -24.42 -7.71
C ALA A 287 -4.57 -24.40 -6.45
N VAL A 288 -4.88 -23.21 -5.96
CA VAL A 288 -5.69 -23.08 -4.75
C VAL A 288 -7.12 -23.54 -5.00
N SER A 289 -7.73 -23.08 -6.09
CA SER A 289 -9.10 -23.45 -6.40
C SER A 289 -9.23 -24.94 -6.71
N THR A 290 -8.21 -25.53 -7.36
CA THR A 290 -8.25 -26.96 -7.62
C THR A 290 -8.25 -27.76 -6.32
N GLU A 291 -7.45 -27.32 -5.34
CA GLU A 291 -7.42 -28.01 -4.07
C GLU A 291 -8.73 -27.84 -3.30
N TRP A 292 -9.30 -26.63 -3.30
CA TRP A 292 -10.60 -26.44 -2.67
C TRP A 292 -11.65 -27.35 -3.30
N THR A 293 -11.60 -27.52 -4.63
CA THR A 293 -12.60 -28.34 -5.31
C THR A 293 -12.43 -29.81 -4.97
N LEU A 294 -11.20 -30.31 -5.03
CA LEU A 294 -10.94 -31.70 -4.65
C LEU A 294 -11.33 -31.95 -3.20
N SER A 295 -11.08 -30.98 -2.32
CA SER A 295 -11.42 -31.15 -0.91
C SER A 295 -12.93 -31.21 -0.72
N GLU A 296 -13.68 -30.39 -1.45
CA GLU A 296 -15.14 -30.46 -1.36
C GLU A 296 -15.66 -31.79 -1.89
N LEU A 297 -15.03 -32.32 -2.95
CA LEU A 297 -15.46 -33.62 -3.49
C LEU A 297 -15.18 -34.74 -2.49
N ILE A 298 -14.02 -34.71 -1.84
CA ILE A 298 -13.72 -35.70 -0.80
C ILE A 298 -14.76 -35.63 0.31
N ASN A 299 -15.13 -34.42 0.72
CA ASN A 299 -16.06 -34.23 1.82
C ASN A 299 -17.52 -34.45 1.45
N ASN A 300 -17.83 -34.64 0.16
CA ASN A 300 -19.21 -34.78 -0.31
C ASN A 300 -19.30 -35.98 -1.24
N PRO A 301 -19.29 -37.20 -0.68
CA PRO A 301 -19.31 -38.41 -1.53
C PRO A 301 -20.47 -38.47 -2.51
N ARG A 302 -21.63 -37.89 -2.19
CA ARG A 302 -22.74 -37.90 -3.14
C ARG A 302 -22.37 -37.19 -4.43
N VAL A 303 -21.74 -36.01 -4.31
CA VAL A 303 -21.38 -35.24 -5.50
C VAL A 303 -20.27 -35.94 -6.27
N LEU A 304 -19.29 -36.51 -5.56
CA LEU A 304 -18.19 -37.19 -6.22
C LEU A 304 -18.68 -38.41 -7.00
N LYS A 305 -19.58 -39.19 -6.41
CA LYS A 305 -20.16 -40.33 -7.13
C LYS A 305 -20.85 -39.87 -8.40
N LYS A 306 -21.66 -38.82 -8.28
CA LYS A 306 -22.38 -38.30 -9.45
C LYS A 306 -21.41 -37.76 -10.51
N ALA A 307 -20.28 -37.18 -10.07
CA ALA A 307 -19.30 -36.67 -11.03
C ALA A 307 -18.66 -37.81 -11.81
N ARG A 308 -18.28 -38.89 -11.13
CA ARG A 308 -17.71 -40.05 -11.81
C ARG A 308 -18.72 -40.70 -12.75
N GLU A 309 -20.01 -40.66 -12.40
CA GLU A 309 -21.02 -41.22 -13.27
C GLU A 309 -21.14 -40.41 -14.56
N GLU A 310 -21.03 -39.09 -14.47
CA GLU A 310 -21.05 -38.27 -15.68
C GLU A 310 -19.84 -38.57 -16.57
N ILE A 311 -18.66 -38.64 -15.96
CA ILE A 311 -17.44 -38.92 -16.72
C ILE A 311 -17.52 -40.29 -17.38
N ASP A 312 -17.90 -41.31 -16.60
CA ASP A 312 -18.06 -42.65 -17.16
C ASP A 312 -19.08 -42.67 -18.29
N SER A 313 -20.09 -41.80 -18.24
CA SER A 313 -21.11 -41.80 -19.26
C SER A 313 -20.69 -40.99 -20.48
N VAL A 314 -20.09 -39.81 -20.26
CA VAL A 314 -19.78 -38.91 -21.36
C VAL A 314 -18.46 -39.29 -22.02
N VAL A 315 -17.45 -39.61 -21.24
CA VAL A 315 -16.11 -39.93 -21.76
C VAL A 315 -15.90 -41.43 -21.84
N GLY A 316 -16.26 -42.15 -20.80
CA GLY A 316 -16.05 -43.59 -20.74
C GLY A 316 -14.85 -43.94 -19.88
N LYS A 317 -14.49 -45.22 -19.95
CA LYS A 317 -13.37 -45.76 -19.20
C LYS A 317 -12.22 -46.19 -20.10
N ASP A 318 -12.27 -45.85 -21.38
CA ASP A 318 -11.28 -46.34 -22.34
C ASP A 318 -10.27 -45.28 -22.76
N ARG A 319 -10.53 -44.00 -22.48
CA ARG A 319 -9.55 -42.96 -22.73
C ARG A 319 -9.66 -41.91 -21.64
N LEU A 320 -8.57 -41.18 -21.45
CA LEU A 320 -8.54 -40.10 -20.47
C LEU A 320 -9.44 -38.94 -20.90
N VAL A 321 -10.01 -38.25 -19.91
CA VAL A 321 -10.70 -37.00 -20.17
C VAL A 321 -9.78 -36.06 -20.94
N ASP A 322 -10.36 -35.35 -21.92
CA ASP A 322 -9.66 -34.35 -22.69
C ASP A 322 -10.31 -32.99 -22.44
N GLU A 323 -9.52 -31.93 -22.63
CA GLU A 323 -10.04 -30.58 -22.44
C GLU A 323 -11.27 -30.32 -23.31
N SER A 324 -11.36 -30.99 -24.46
CA SER A 324 -12.53 -30.82 -25.32
C SER A 324 -13.79 -31.46 -24.75
N ASP A 325 -13.65 -32.34 -23.75
CA ASP A 325 -14.82 -32.94 -23.10
C ASP A 325 -15.51 -32.02 -22.11
N VAL A 326 -14.80 -30.99 -21.61
CA VAL A 326 -15.34 -30.16 -20.54
C VAL A 326 -16.66 -29.53 -20.97
N GLN A 327 -16.75 -29.07 -22.21
CA GLN A 327 -17.99 -28.52 -22.73
C GLN A 327 -19.15 -29.49 -22.64
N ASN A 328 -18.87 -30.80 -22.59
CA ASN A 328 -19.90 -31.82 -22.49
C ASN A 328 -20.02 -32.41 -21.09
N LEU A 329 -19.39 -31.78 -20.09
CA LEU A 329 -19.44 -32.24 -18.71
C LEU A 329 -20.07 -31.15 -17.85
N PRO A 330 -21.39 -30.93 -17.96
CA PRO A 330 -22.02 -29.84 -17.20
C PRO A 330 -21.92 -30.00 -15.70
N TYR A 331 -21.94 -31.24 -15.18
CA TYR A 331 -21.86 -31.41 -13.74
C TYR A 331 -20.46 -31.09 -13.23
N ILE A 332 -19.43 -31.48 -13.98
CA ILE A 332 -18.06 -31.10 -13.62
C ILE A 332 -17.93 -29.58 -13.61
N LYS A 333 -18.50 -28.91 -14.62
CA LYS A 333 -18.44 -27.46 -14.66
C LYS A 333 -19.19 -26.84 -13.49
N ALA A 334 -20.34 -27.43 -13.13
CA ALA A 334 -21.10 -26.96 -11.98
C ALA A 334 -20.31 -27.15 -10.70
N ILE A 335 -19.53 -28.24 -10.61
CA ILE A 335 -18.71 -28.48 -9.43
C ILE A 335 -17.66 -27.38 -9.28
N VAL A 336 -17.04 -26.97 -10.38
CA VAL A 336 -16.04 -25.90 -10.33
C VAL A 336 -16.70 -24.58 -9.90
N LYS A 337 -17.87 -24.28 -10.47
CA LYS A 337 -18.60 -23.08 -10.07
C LYS A 337 -18.95 -23.12 -8.59
N GLU A 338 -19.32 -24.29 -8.07
CA GLU A 338 -19.77 -24.39 -6.70
C GLU A 338 -18.61 -24.25 -5.71
N ALA A 339 -17.43 -24.76 -6.08
CA ALA A 339 -16.26 -24.54 -5.25
C ALA A 339 -15.80 -23.08 -5.31
N PHE A 340 -16.02 -22.42 -6.45
CA PHE A 340 -15.67 -21.01 -6.57
C PHE A 340 -16.62 -20.13 -5.74
N ARG A 341 -17.90 -20.52 -5.67
CA ARG A 341 -18.85 -19.79 -4.86
C ARG A 341 -18.47 -19.84 -3.38
N LEU A 342 -18.15 -21.02 -2.88
CA LEU A 342 -17.86 -21.20 -1.46
C LEU A 342 -16.43 -20.80 -1.10
N HIS A 343 -15.48 -21.00 -2.00
CA HIS A 343 -14.06 -20.76 -1.71
C HIS A 343 -13.41 -19.99 -2.84
N PRO A 344 -13.82 -18.74 -3.07
CA PRO A 344 -13.11 -17.92 -4.04
C PRO A 344 -11.65 -17.79 -3.64
N PRO A 345 -10.72 -17.96 -4.59
CA PRO A 345 -9.30 -17.86 -4.23
C PRO A 345 -8.95 -16.54 -3.59
N LEU A 346 -9.54 -15.44 -4.06
CA LEU A 346 -9.45 -14.14 -3.41
C LEU A 346 -10.78 -13.82 -2.74
N PRO A 347 -10.96 -14.12 -1.45
CA PRO A 347 -12.25 -13.82 -0.80
C PRO A 347 -12.61 -12.34 -0.83
N VAL A 348 -11.61 -11.47 -0.82
CA VAL A 348 -11.82 -10.03 -0.90
C VAL A 348 -11.08 -9.54 -2.14
N VAL A 349 -11.82 -8.97 -3.08
CA VAL A 349 -11.25 -8.44 -4.32
C VAL A 349 -11.05 -6.94 -4.14
N LYS A 350 -9.87 -6.45 -4.48
CA LYS A 350 -9.48 -5.07 -4.26
C LYS A 350 -9.55 -4.27 -5.56
N ARG A 351 -10.07 -3.05 -5.48
CA ARG A 351 -10.04 -2.09 -6.56
C ARG A 351 -9.75 -0.72 -5.99
N LYS A 352 -9.41 0.22 -6.86
CA LYS A 352 -9.14 1.60 -6.47
C LYS A 352 -10.09 2.54 -7.19
N CYS A 353 -10.65 3.49 -6.45
CA CYS A 353 -11.50 4.51 -7.05
C CYS A 353 -10.65 5.50 -7.84
N THR A 354 -11.03 5.73 -9.10
CA THR A 354 -10.24 6.57 -9.99
C THR A 354 -10.65 8.03 -9.97
N GLN A 355 -11.87 8.34 -9.54
CA GLN A 355 -12.37 9.69 -9.50
C GLN A 355 -13.57 9.72 -8.58
N GLU A 356 -13.85 10.89 -8.01
CA GLU A 356 -15.02 11.04 -7.16
C GLU A 356 -16.27 10.57 -7.90
N CYS A 357 -17.06 9.72 -7.25
CA CYS A 357 -18.24 9.16 -7.86
C CYS A 357 -19.32 8.99 -6.80
N GLU A 358 -20.51 8.61 -7.25
CA GLU A 358 -21.66 8.40 -6.38
C GLU A 358 -22.15 6.98 -6.57
N ILE A 359 -22.22 6.22 -5.47
CA ILE A 359 -22.63 4.83 -5.48
C ILE A 359 -23.81 4.70 -4.53
N ASP A 360 -24.99 4.39 -5.08
CA ASP A 360 -26.20 4.21 -4.30
C ASP A 360 -26.46 5.39 -3.38
N GLY A 361 -26.25 6.60 -3.91
CA GLY A 361 -26.47 7.83 -3.19
C GLY A 361 -25.29 8.31 -2.37
N TYR A 362 -24.32 7.46 -2.09
CA TYR A 362 -23.18 7.84 -1.27
C TYR A 362 -22.02 8.32 -2.13
N VAL A 363 -21.20 9.19 -1.58
CA VAL A 363 -20.01 9.70 -2.25
C VAL A 363 -18.85 8.75 -1.98
N VAL A 364 -18.16 8.33 -3.02
CA VAL A 364 -16.92 7.57 -2.92
C VAL A 364 -15.79 8.49 -3.38
N PRO A 365 -14.77 8.70 -2.56
CA PRO A 365 -13.72 9.68 -2.92
C PRO A 365 -12.66 9.09 -3.84
N GLU A 366 -12.10 9.97 -4.66
CA GLU A 366 -10.97 9.59 -5.50
C GLU A 366 -9.86 8.99 -4.65
N GLY A 367 -9.29 7.89 -5.14
CA GLY A 367 -8.21 7.21 -4.45
C GLY A 367 -8.64 6.19 -3.43
N ALA A 368 -9.92 6.11 -3.10
CA ALA A 368 -10.38 5.18 -2.08
C ALA A 368 -10.11 3.74 -2.50
N LEU A 369 -9.66 2.93 -1.55
CA LEU A 369 -9.59 1.49 -1.75
C LEU A 369 -11.01 0.92 -1.72
N ILE A 370 -11.34 0.07 -2.68
CA ILE A 370 -12.65 -0.56 -2.76
C ILE A 370 -12.48 -2.06 -2.55
N LEU A 371 -13.28 -2.62 -1.65
CA LEU A 371 -13.20 -4.04 -1.31
C LEU A 371 -14.51 -4.71 -1.68
N PHE A 372 -14.45 -5.65 -2.61
CA PHE A 372 -15.57 -6.53 -2.92
C PHE A 372 -15.46 -7.76 -2.03
N ASN A 373 -16.45 -7.97 -1.16
CA ASN A 373 -16.47 -9.17 -0.32
C ASN A 373 -17.21 -10.26 -1.10
N VAL A 374 -16.50 -10.84 -2.07
CA VAL A 374 -17.10 -11.88 -2.89
C VAL A 374 -17.35 -13.15 -2.07
N TRP A 375 -16.54 -13.37 -1.04
CA TRP A 375 -16.76 -14.52 -0.15
C TRP A 375 -18.10 -14.39 0.58
N ALA A 376 -18.45 -13.18 1.01
CA ALA A 376 -19.73 -12.96 1.67
C ALA A 376 -20.88 -13.19 0.71
N VAL A 377 -20.77 -12.70 -0.53
CA VAL A 377 -21.84 -12.89 -1.50
C VAL A 377 -22.05 -14.37 -1.78
N GLY A 378 -20.95 -15.14 -1.85
CA GLY A 378 -21.05 -16.57 -2.08
C GLY A 378 -21.79 -17.33 -1.00
N ARG A 379 -21.86 -16.78 0.22
CA ARG A 379 -22.50 -17.46 1.34
C ARG A 379 -23.78 -16.78 1.78
N ASP A 380 -24.27 -15.81 1.02
CA ASP A 380 -25.42 -15.02 1.43
C ASP A 380 -26.71 -15.77 1.10
N PRO A 381 -27.55 -16.08 2.10
CA PRO A 381 -28.82 -16.77 1.80
C PRO A 381 -29.78 -15.95 0.96
N LYS A 382 -29.52 -14.65 0.77
CA LYS A 382 -30.36 -13.85 -0.12
C LYS A 382 -30.18 -14.23 -1.58
N TYR A 383 -29.03 -14.79 -1.95
CA TYR A 383 -28.78 -15.19 -3.33
C TYR A 383 -28.75 -16.70 -3.52
N TRP A 384 -28.53 -17.48 -2.46
CA TRP A 384 -28.32 -18.92 -2.59
C TRP A 384 -29.23 -19.66 -1.62
N VAL A 385 -29.91 -20.68 -2.11
CA VAL A 385 -30.72 -21.55 -1.26
C VAL A 385 -29.78 -22.48 -0.50
N LYS A 386 -29.84 -22.43 0.84
CA LYS A 386 -28.96 -23.19 1.72
C LYS A 386 -27.51 -23.01 1.28
N PRO A 387 -26.93 -21.84 1.51
CA PRO A 387 -25.61 -21.53 0.90
C PRO A 387 -24.46 -22.36 1.46
N LEU A 388 -24.60 -22.96 2.63
CA LEU A 388 -23.50 -23.73 3.19
C LEU A 388 -23.37 -25.14 2.58
N GLU A 389 -24.35 -25.56 1.77
CA GLU A 389 -24.30 -26.87 1.15
C GLU A 389 -23.50 -26.81 -0.15
N PHE A 390 -22.56 -27.74 -0.31
CA PHE A 390 -21.89 -27.93 -1.59
C PHE A 390 -22.85 -28.69 -2.49
N ARG A 391 -23.56 -27.98 -3.34
CA ARG A 391 -24.67 -28.52 -4.13
C ARG A 391 -24.56 -28.02 -5.55
N PRO A 392 -23.74 -28.65 -6.37
CA PRO A 392 -23.56 -28.19 -7.77
C PRO A 392 -24.86 -28.14 -8.55
N GLU A 393 -25.88 -28.88 -8.14
CA GLU A 393 -27.17 -28.84 -8.82
C GLU A 393 -27.79 -27.45 -8.87
N ARG A 394 -27.38 -26.55 -7.97
CA ARG A 394 -27.93 -25.20 -7.99
C ARG A 394 -27.57 -24.46 -9.28
N PHE A 395 -26.51 -24.88 -9.97
CA PHE A 395 -26.14 -24.32 -11.26
C PHE A 395 -26.68 -25.13 -12.43
N ILE A 396 -27.53 -26.12 -12.16
CA ILE A 396 -28.10 -26.98 -13.19
C ILE A 396 -29.63 -26.96 -13.14
N GLU A 397 -30.21 -27.14 -11.94
CA GLU A 397 -31.66 -27.23 -11.81
C GLU A 397 -32.34 -25.94 -12.24
N ASN A 398 -31.66 -24.80 -12.14
CA ASN A 398 -32.22 -23.52 -12.55
C ASN A 398 -32.19 -23.37 -14.07
N ASP A 408 -15.80 -18.97 -19.03
CA ASP A 408 -16.06 -18.59 -17.63
C ASP A 408 -16.87 -19.67 -16.92
N LEU A 409 -16.31 -20.87 -16.80
CA LEU A 409 -16.95 -21.93 -16.03
C LEU A 409 -16.68 -21.79 -14.53
N ARG A 410 -16.27 -20.61 -14.07
CA ARG A 410 -16.15 -20.32 -12.65
C ARG A 410 -17.35 -19.59 -12.08
N GLY A 411 -18.10 -18.87 -12.93
CA GLY A 411 -19.28 -18.16 -12.48
C GLY A 411 -18.99 -17.01 -11.53
N THR A 415 -15.97 -12.25 -13.78
CA THR A 415 -14.86 -11.39 -14.13
C THR A 415 -15.27 -9.93 -14.07
N LEU A 416 -14.31 -9.05 -13.77
CA LEU A 416 -14.57 -7.62 -13.66
C LEU A 416 -14.03 -6.82 -14.83
N LEU A 417 -13.16 -7.41 -15.66
CA LEU A 417 -12.59 -6.68 -16.79
C LEU A 417 -13.58 -6.62 -17.94
N PRO A 418 -13.61 -5.51 -18.68
CA PRO A 418 -14.60 -5.34 -19.75
C PRO A 418 -14.39 -6.36 -20.86
N PHE A 419 -15.46 -6.57 -21.63
CA PHE A 419 -15.35 -7.36 -22.85
C PHE A 419 -14.27 -6.78 -23.74
N GLY A 420 -13.50 -7.68 -24.36
CA GLY A 420 -12.41 -7.26 -25.22
C GLY A 420 -11.10 -6.98 -24.54
N SER A 421 -10.96 -7.36 -23.26
CA SER A 421 -9.70 -7.13 -22.55
C SER A 421 -8.63 -8.16 -22.90
N GLY A 422 -9.01 -9.28 -23.50
CA GLY A 422 -8.07 -10.29 -23.93
C GLY A 422 -8.15 -11.63 -23.21
N ARG A 423 -9.24 -11.88 -22.48
CA ARG A 423 -9.38 -13.13 -21.74
C ARG A 423 -9.27 -14.34 -22.67
N ARG A 424 -9.85 -14.25 -23.87
CA ARG A 424 -9.87 -15.36 -24.81
C ARG A 424 -8.50 -15.71 -25.35
N MET A 425 -7.52 -14.80 -25.26
CA MET A 425 -6.18 -15.03 -25.78
C MET A 425 -5.18 -15.38 -24.69
N CYS A 426 -5.65 -15.56 -23.46
CA CYS A 426 -4.74 -15.70 -22.33
C CYS A 426 -4.63 -17.15 -21.92
N PRO A 427 -3.44 -17.76 -22.00
CA PRO A 427 -3.29 -19.14 -21.53
C PRO A 427 -3.55 -19.30 -20.04
N GLY A 428 -3.37 -18.24 -19.25
CA GLY A 428 -3.64 -18.34 -17.82
C GLY A 428 -5.11 -18.45 -17.51
N VAL A 429 -5.95 -17.67 -18.20
CA VAL A 429 -7.40 -17.80 -18.05
C VAL A 429 -7.86 -19.18 -18.49
N ASN A 430 -7.25 -19.73 -19.54
CA ASN A 430 -7.60 -21.07 -19.98
C ASN A 430 -7.27 -22.10 -18.90
N LEU A 431 -6.06 -22.03 -18.35
CA LEU A 431 -5.68 -22.95 -17.28
C LEU A 431 -6.62 -22.83 -16.08
N ALA A 432 -7.03 -21.60 -15.76
CA ALA A 432 -7.89 -21.39 -14.60
C ALA A 432 -9.32 -21.85 -14.83
N THR A 433 -9.69 -22.22 -16.04
CA THR A 433 -11.06 -22.61 -16.33
C THR A 433 -11.13 -24.01 -16.91
N ALA A 434 -10.95 -24.15 -18.22
CA ALA A 434 -10.96 -25.46 -18.84
C ALA A 434 -9.84 -26.33 -18.31
N GLY A 435 -8.67 -25.74 -18.05
CA GLY A 435 -7.53 -26.52 -17.62
C GLY A 435 -7.73 -27.15 -16.25
N MET A 436 -8.26 -26.40 -15.29
CA MET A 436 -8.50 -26.96 -13.98
C MET A 436 -9.65 -27.96 -14.00
N ALA A 437 -10.66 -27.72 -14.84
CA ALA A 437 -11.76 -28.68 -14.96
C ALA A 437 -11.27 -30.01 -15.52
N THR A 438 -10.36 -29.95 -16.50
CA THR A 438 -9.80 -31.17 -17.07
C THR A 438 -8.96 -31.92 -16.05
N MET A 439 -8.17 -31.19 -15.26
CA MET A 439 -7.35 -31.84 -14.23
C MET A 439 -8.20 -32.53 -13.19
N ILE A 440 -9.23 -31.84 -12.69
CA ILE A 440 -10.10 -32.41 -11.67
C ILE A 440 -10.82 -33.64 -12.19
N ALA A 441 -11.37 -33.55 -13.40
CA ALA A 441 -12.06 -34.69 -13.99
C ALA A 441 -11.12 -35.86 -14.23
N SER A 442 -9.89 -35.56 -14.68
CA SER A 442 -8.92 -36.62 -14.92
C SER A 442 -8.56 -37.34 -13.62
N ILE A 443 -8.42 -36.58 -12.52
CA ILE A 443 -8.06 -37.18 -11.24
C ILE A 443 -9.14 -38.15 -10.78
N ILE A 444 -10.40 -37.72 -10.77
CA ILE A 444 -11.46 -38.57 -10.25
C ILE A 444 -11.83 -39.68 -11.22
N GLN A 445 -11.52 -39.51 -12.50
CA GLN A 445 -11.70 -40.61 -13.45
C GLN A 445 -10.75 -41.75 -13.12
N CYS A 446 -9.54 -41.43 -12.66
CA CYS A 446 -8.50 -42.43 -12.47
C CYS A 446 -8.34 -42.89 -11.03
N PHE A 447 -8.65 -42.05 -10.04
CA PHE A 447 -8.27 -42.37 -8.67
C PHE A 447 -9.40 -42.09 -7.69
N ASP A 448 -9.49 -42.95 -6.67
CA ASP A 448 -10.14 -42.59 -5.43
C ASP A 448 -9.10 -41.94 -4.53
N LEU A 449 -9.53 -40.95 -3.75
CA LEU A 449 -8.64 -40.17 -2.91
C LEU A 449 -8.86 -40.60 -1.46
N GLN A 450 -7.98 -41.47 -0.97
CA GLN A 450 -8.03 -41.88 0.43
C GLN A 450 -7.37 -40.82 1.31
N VAL A 451 -7.93 -40.62 2.50
CA VAL A 451 -7.42 -39.64 3.45
C VAL A 451 -6.65 -40.39 4.53
N PRO A 452 -5.36 -40.13 4.70
CA PRO A 452 -4.59 -40.84 5.74
C PRO A 452 -4.88 -40.31 7.12
N GLY A 453 -4.80 -41.21 8.10
CA GLY A 453 -5.09 -40.90 9.48
C GLY A 453 -3.83 -40.80 10.34
N GLN A 454 -4.03 -40.31 11.56
CA GLN A 454 -2.95 -39.94 12.46
C GLN A 454 -2.49 -41.07 13.36
N HIS A 455 -2.78 -42.32 13.03
CA HIS A 455 -2.22 -43.44 13.76
C HIS A 455 -2.20 -44.72 12.92
N GLY A 456 -1.53 -44.66 11.78
CA GLY A 456 -1.38 -45.83 10.93
C GLY A 456 -2.67 -46.38 10.35
N GLU A 457 -3.55 -45.51 9.90
CA GLU A 457 -4.81 -45.95 9.33
C GLU A 457 -5.30 -44.98 8.27
N ILE A 458 -6.10 -45.50 7.34
CA ILE A 458 -6.76 -44.70 6.33
C ILE A 458 -8.18 -44.41 6.81
N LEU A 459 -8.55 -43.14 6.83
CA LEU A 459 -9.88 -42.76 7.28
C LEU A 459 -10.94 -43.25 6.30
N ASN A 460 -12.11 -43.58 6.85
CA ASN A 460 -13.21 -44.05 6.03
C ASN A 460 -14.32 -44.72 6.84
N GLY A 461 -15.56 -44.33 6.57
CA GLY A 461 -15.87 -43.35 5.56
C GLY A 461 -16.46 -42.07 6.13
N ASP A 462 -17.01 -42.18 7.34
CA ASP A 462 -17.49 -40.99 8.04
C ASP A 462 -16.37 -40.09 8.49
N TYR A 463 -15.23 -40.68 8.85
CA TYR A 463 -14.03 -39.90 9.18
C TYR A 463 -13.22 -39.52 7.94
N ALA A 464 -13.56 -40.08 6.78
CA ALA A 464 -12.84 -39.77 5.54
C ALA A 464 -13.15 -38.34 5.08
N LYS A 465 -12.69 -37.36 5.85
CA LYS A 465 -12.92 -35.96 5.52
C LYS A 465 -11.64 -35.17 5.78
N VAL A 466 -11.52 -34.03 5.10
CA VAL A 466 -10.38 -33.15 5.26
C VAL A 466 -10.85 -31.83 5.83
N SER A 467 -9.97 -31.17 6.57
CA SER A 467 -10.30 -29.89 7.19
C SER A 467 -10.48 -28.82 6.12
N MET A 468 -11.46 -27.94 6.34
CA MET A 468 -11.69 -26.81 5.46
C MET A 468 -11.28 -25.49 6.10
N GLU A 469 -10.44 -25.56 7.13
CA GLU A 469 -9.92 -24.34 7.76
C GLU A 469 -9.10 -23.53 6.77
N GLU A 470 -9.24 -22.21 6.83
CA GLU A 470 -8.61 -21.30 5.90
C GLU A 470 -7.29 -20.77 6.45
N ARG A 471 -6.37 -20.46 5.54
CA ARG A 471 -5.11 -19.82 5.85
C ARG A 471 -5.17 -18.36 5.42
N PRO A 472 -4.78 -17.42 6.29
CA PRO A 472 -4.89 -16.00 5.91
C PRO A 472 -4.00 -15.66 4.72
N GLY A 473 -4.47 -14.72 3.92
CA GLY A 473 -3.74 -14.29 2.73
C GLY A 473 -4.62 -13.44 1.86
N LEU A 474 -3.99 -12.79 0.88
CA LEU A 474 -4.76 -12.23 -0.22
C LEU A 474 -5.42 -13.34 -1.02
N THR A 475 -4.63 -14.33 -1.45
CA THR A 475 -5.14 -15.62 -1.86
C THR A 475 -5.28 -16.48 -0.61
N VAL A 476 -6.46 -17.06 -0.42
CA VAL A 476 -6.74 -17.81 0.80
C VAL A 476 -6.87 -19.29 0.50
N PRO A 477 -5.84 -20.08 0.81
CA PRO A 477 -5.92 -21.53 0.58
C PRO A 477 -6.36 -22.28 1.82
N ARG A 478 -6.48 -23.60 1.71
CA ARG A 478 -6.70 -24.42 2.89
C ARG A 478 -5.47 -24.35 3.80
N ALA A 479 -5.72 -24.22 5.10
CA ALA A 479 -4.61 -24.11 6.04
C ALA A 479 -3.79 -25.39 6.11
N HIS A 480 -4.42 -26.55 5.94
CA HIS A 480 -3.75 -27.83 5.96
C HIS A 480 -3.51 -28.31 4.54
N ASN A 481 -2.28 -28.72 4.24
CA ASN A 481 -1.98 -29.28 2.92
C ASN A 481 -2.80 -30.53 2.67
N LEU A 482 -3.26 -30.67 1.43
CA LEU A 482 -4.10 -31.80 1.04
C LEU A 482 -3.23 -33.03 0.87
N MET A 483 -3.27 -33.93 1.85
CA MET A 483 -2.56 -35.21 1.79
C MET A 483 -3.54 -36.29 1.38
N CYS A 484 -3.19 -37.05 0.34
CA CYS A 484 -4.05 -38.11 -0.15
C CYS A 484 -3.22 -39.33 -0.49
N VAL A 485 -3.82 -40.50 -0.27
CA VAL A 485 -3.25 -41.76 -0.76
C VAL A 485 -4.10 -42.18 -1.96
N PRO A 486 -3.64 -41.96 -3.19
CA PRO A 486 -4.44 -42.34 -4.35
C PRO A 486 -4.65 -43.84 -4.40
N LEU A 487 -5.81 -44.23 -4.91
CA LEU A 487 -6.13 -45.64 -5.16
C LEU A 487 -6.64 -45.72 -6.59
N ALA A 488 -5.91 -46.45 -7.44
CA ALA A 488 -6.30 -46.57 -8.84
C ALA A 488 -7.65 -47.27 -8.95
N ARG A 489 -8.57 -46.66 -9.69
CA ARG A 489 -9.87 -47.26 -9.90
C ARG A 489 -9.75 -48.48 -10.82
N ALA A 490 -10.69 -49.41 -10.67
CA ALA A 490 -10.68 -50.63 -11.46
C ALA A 490 -10.71 -50.30 -12.95
N GLY A 491 -9.78 -50.89 -13.70
CA GLY A 491 -9.71 -50.63 -15.12
C GLY A 491 -9.13 -49.27 -15.47
N VAL A 492 -8.07 -48.86 -14.76
CA VAL A 492 -7.41 -47.58 -15.01
C VAL A 492 -5.93 -47.77 -15.32
N ALA A 493 -5.24 -48.61 -14.54
CA ALA A 493 -3.82 -48.85 -14.77
C ALA A 493 -3.55 -49.34 -16.19
N ASP A 494 -4.30 -50.36 -16.62
CA ASP A 494 -4.08 -50.93 -17.93
C ASP A 494 -4.80 -50.20 -19.06
N LYS A 495 -5.93 -49.57 -18.76
CA LYS A 495 -6.73 -48.93 -19.80
C LYS A 495 -6.40 -47.45 -19.98
N LEU A 496 -5.89 -46.80 -18.94
CA LEU A 496 -5.67 -45.35 -18.98
C LEU A 496 -4.23 -44.94 -18.74
N LEU A 497 -3.55 -45.55 -17.78
CA LEU A 497 -2.19 -45.14 -17.45
C LEU A 497 -1.19 -46.28 -17.66
N LYS B 8 9.09 9.15 -26.35
CA LYS B 8 9.61 7.84 -26.75
C LYS B 8 8.48 6.81 -26.83
N GLY B 9 7.52 6.90 -25.92
CA GLY B 9 6.46 5.92 -25.83
C GLY B 9 6.73 4.78 -24.87
N LYS B 10 7.80 4.85 -24.09
CA LYS B 10 8.18 3.82 -23.14
C LYS B 10 8.24 4.43 -21.74
N LEU B 11 8.12 3.57 -20.73
CA LEU B 11 8.33 3.98 -19.36
C LEU B 11 9.74 4.55 -19.19
N PRO B 12 9.99 5.34 -18.15
CA PRO B 12 11.35 5.76 -17.84
C PRO B 12 12.26 4.56 -17.70
N PRO B 13 13.56 4.71 -17.97
CA PRO B 13 14.45 3.54 -17.98
C PRO B 13 14.46 2.83 -16.63
N SER B 14 14.81 1.54 -16.66
CA SER B 14 14.71 0.70 -15.50
C SER B 14 15.98 -0.10 -15.30
N PRO B 15 16.39 -0.34 -14.05
CA PRO B 15 17.54 -1.22 -13.81
C PRO B 15 17.22 -2.67 -14.09
N LYS B 16 18.19 -3.55 -13.85
CA LYS B 16 18.04 -4.98 -14.05
C LYS B 16 18.63 -5.69 -12.84
N PRO B 17 18.10 -6.90 -12.51
CA PRO B 17 17.00 -7.55 -13.21
C PRO B 17 15.64 -7.22 -12.62
N ARG B 18 14.60 -7.25 -13.46
CA ARG B 18 13.22 -7.22 -12.98
C ARG B 18 12.76 -8.66 -12.79
N LEU B 19 12.32 -8.99 -11.58
CA LEU B 19 11.95 -10.35 -11.24
C LEU B 19 10.44 -10.51 -11.23
N PRO B 20 9.93 -11.72 -11.55
CA PRO B 20 8.48 -11.93 -11.69
C PRO B 20 7.60 -11.29 -10.63
N PHE B 21 7.65 -11.77 -9.39
CA PHE B 21 6.69 -11.34 -8.38
C PHE B 21 7.13 -10.11 -7.61
N ILE B 22 8.43 -9.97 -7.37
CA ILE B 22 8.93 -8.90 -6.52
C ILE B 22 9.45 -7.70 -7.30
N GLY B 23 9.53 -7.81 -8.63
CA GLY B 23 10.01 -6.71 -9.44
C GLY B 23 11.45 -6.35 -9.15
N HIS B 24 11.67 -5.16 -8.59
CA HIS B 24 13.00 -4.70 -8.23
C HIS B 24 13.22 -4.64 -6.72
N LEU B 25 12.31 -5.20 -5.92
CA LEU B 25 12.40 -5.04 -4.48
C LEU B 25 13.66 -5.65 -3.90
N HIS B 26 14.24 -6.65 -4.57
CA HIS B 26 15.51 -7.22 -4.12
C HIS B 26 16.66 -6.23 -4.23
N LEU B 27 16.52 -5.21 -5.07
CA LEU B 27 17.56 -4.19 -5.22
C LEU B 27 17.58 -3.20 -4.05
N LEU B 28 16.51 -3.12 -3.28
CA LEU B 28 16.38 -2.11 -2.22
C LEU B 28 16.86 -2.70 -0.91
N ASP B 29 18.19 -2.65 -0.71
CA ASP B 29 18.83 -3.28 0.44
C ASP B 29 19.19 -2.30 1.55
N ASN B 30 18.53 -1.14 1.58
CA ASN B 30 18.81 -0.15 2.61
C ASN B 30 17.51 0.40 3.15
N PRO B 31 17.24 0.27 4.45
CA PRO B 31 16.03 0.88 5.02
C PRO B 31 15.96 2.38 4.83
N LEU B 32 17.10 3.04 4.69
CA LEU B 32 17.15 4.44 4.25
C LEU B 32 17.05 4.44 2.73
N LEU B 33 15.80 4.39 2.25
CA LEU B 33 15.54 4.18 0.83
C LEU B 33 16.18 5.27 -0.03
N HIS B 34 16.17 6.52 0.45
CA HIS B 34 16.69 7.60 -0.36
C HIS B 34 18.18 7.42 -0.68
N HIS B 35 18.92 6.73 0.20
CA HIS B 35 20.32 6.42 -0.11
C HIS B 35 20.41 5.46 -1.31
N THR B 36 19.53 4.47 -1.37
CA THR B 36 19.54 3.56 -2.49
C THR B 36 19.10 4.26 -3.77
N LEU B 37 18.10 5.15 -3.67
CA LEU B 37 17.56 5.78 -4.86
C LEU B 37 18.58 6.70 -5.53
N ILE B 38 19.49 7.32 -4.77
CA ILE B 38 20.49 8.18 -5.39
C ILE B 38 21.52 7.33 -6.13
N LYS B 39 21.86 6.15 -5.60
CA LYS B 39 22.78 5.26 -6.30
C LYS B 39 22.22 4.84 -7.65
N LEU B 40 20.92 4.54 -7.71
CA LEU B 40 20.30 4.17 -8.97
C LEU B 40 20.19 5.36 -9.92
N GLY B 41 19.89 6.54 -9.38
CA GLY B 41 19.72 7.71 -10.22
C GLY B 41 20.99 8.11 -10.96
N LYS B 42 22.13 7.98 -10.29
CA LYS B 42 23.40 8.30 -10.95
C LYS B 42 23.66 7.35 -12.12
N ARG B 43 23.11 6.15 -12.06
CA ARG B 43 23.30 5.17 -13.12
C ARG B 43 22.26 5.30 -14.23
N TYR B 44 21.00 5.51 -13.88
CA TYR B 44 19.92 5.49 -14.86
C TYR B 44 19.30 6.85 -15.11
N GLY B 45 19.81 7.91 -14.50
CA GLY B 45 19.38 9.25 -14.82
C GLY B 45 18.38 9.82 -13.83
N PRO B 46 17.89 11.03 -14.12
CA PRO B 46 17.03 11.73 -13.16
C PRO B 46 15.60 11.23 -13.10
N LEU B 47 15.19 10.34 -14.01
CA LEU B 47 13.85 9.77 -14.02
C LEU B 47 13.96 8.32 -14.43
N TYR B 48 13.64 7.40 -13.51
CA TYR B 48 13.73 5.98 -13.81
C TYR B 48 12.59 5.23 -13.13
N THR B 49 12.36 4.01 -13.59
CA THR B 49 11.24 3.20 -13.16
C THR B 49 11.72 2.03 -12.31
N LEU B 50 11.05 1.82 -11.18
CA LEU B 50 11.23 0.62 -10.37
C LEU B 50 9.89 -0.08 -10.23
N TYR B 51 9.92 -1.40 -10.13
CA TYR B 51 8.71 -2.17 -9.89
C TYR B 51 8.72 -2.61 -8.43
N PHE B 52 7.82 -2.03 -7.64
CA PHE B 52 7.58 -2.46 -6.26
C PHE B 52 6.61 -3.63 -6.35
N GLY B 53 7.15 -4.84 -6.47
CA GLY B 53 6.33 -5.97 -6.86
C GLY B 53 5.87 -5.76 -8.29
N SER B 54 4.55 -5.71 -8.49
CA SER B 54 3.99 -5.46 -9.81
C SER B 54 3.62 -4.01 -10.05
N MET B 55 3.80 -3.14 -9.06
CA MET B 55 3.39 -1.75 -9.20
C MET B 55 4.53 -0.92 -9.80
N PRO B 56 4.34 -0.28 -10.94
CA PRO B 56 5.38 0.60 -11.47
C PRO B 56 5.58 1.79 -10.56
N THR B 57 6.84 2.12 -10.31
CA THR B 57 7.21 3.21 -9.43
C THR B 57 8.26 4.06 -10.13
N VAL B 58 7.94 5.32 -10.37
CA VAL B 58 8.80 6.24 -11.09
C VAL B 58 9.45 7.18 -10.10
N VAL B 59 10.77 7.31 -10.18
CA VAL B 59 11.57 8.09 -9.22
C VAL B 59 12.15 9.29 -9.96
N ALA B 60 11.89 10.49 -9.44
CA ALA B 60 12.36 11.74 -10.02
C ALA B 60 13.27 12.45 -9.02
N SER B 61 14.30 13.12 -9.53
CA SER B 61 15.27 13.75 -8.65
C SER B 61 15.78 15.07 -9.23
N THR B 62 14.90 15.82 -9.91
CA THR B 62 15.18 17.20 -10.26
C THR B 62 13.95 18.05 -9.97
N PRO B 63 14.14 19.32 -9.62
CA PRO B 63 12.98 20.20 -9.41
C PRO B 63 12.13 20.38 -10.66
N ASP B 64 12.75 20.37 -11.84
CA ASP B 64 11.97 20.49 -13.07
C ASP B 64 11.03 19.29 -13.24
N LEU B 65 11.49 18.09 -12.88
CA LEU B 65 10.63 16.92 -12.96
C LEU B 65 9.50 17.00 -11.92
N PHE B 66 9.81 17.51 -10.72
CA PHE B 66 8.79 17.69 -9.71
C PHE B 66 7.65 18.57 -10.23
N LYS B 67 7.99 19.70 -10.84
CA LYS B 67 6.97 20.62 -11.34
C LYS B 67 6.12 19.97 -12.42
N LEU B 68 6.74 19.15 -13.28
CA LEU B 68 5.99 18.48 -14.34
C LEU B 68 4.90 17.58 -13.77
N PHE B 69 5.21 16.85 -12.69
CA PHE B 69 4.21 16.00 -12.06
C PHE B 69 3.13 16.80 -11.35
N LEU B 70 3.39 18.07 -11.03
CA LEU B 70 2.46 18.88 -10.26
C LEU B 70 1.73 19.92 -11.11
N GLN B 71 1.95 19.94 -12.41
CA GLN B 71 1.31 20.93 -13.28
C GLN B 71 -0.21 20.79 -13.27
N SER B 85 -6.97 17.55 -15.41
CA SER B 85 -6.41 18.79 -14.88
C SER B 85 -5.13 18.51 -14.11
N ALA B 86 -5.10 17.40 -13.36
CA ALA B 86 -3.95 17.00 -12.58
C ALA B 86 -3.60 15.57 -12.93
N ILE B 87 -2.31 15.32 -13.20
CA ILE B 87 -1.84 13.97 -13.53
C ILE B 87 -1.27 13.24 -12.32
N SER B 88 -1.13 13.90 -11.18
CA SER B 88 -0.67 13.26 -9.96
C SER B 88 -1.47 13.80 -8.78
N ARG B 89 -1.52 13.01 -7.71
CA ARG B 89 -2.27 13.38 -6.52
C ARG B 89 -1.47 12.98 -5.29
N LEU B 90 -1.82 13.61 -4.17
CA LEU B 90 -1.28 13.20 -2.88
C LEU B 90 -1.80 11.82 -2.52
N THR B 91 -1.03 11.09 -1.72
CA THR B 91 -1.47 9.80 -1.23
C THR B 91 -2.16 9.96 0.12
N TYR B 92 -2.84 8.90 0.55
CA TYR B 92 -3.51 8.86 1.84
C TYR B 92 -2.59 8.43 2.98
N ASP B 93 -1.28 8.68 2.85
CA ASP B 93 -0.36 8.41 3.96
C ASP B 93 -0.67 9.29 5.17
N ASN B 94 -1.27 10.45 4.95
CA ASN B 94 -1.77 11.27 6.06
C ASN B 94 -3.03 11.97 5.59
N SER B 95 -3.62 12.75 6.48
CA SER B 95 -4.96 13.32 6.26
C SER B 95 -4.95 14.59 5.41
N VAL B 96 -3.79 15.05 4.91
CA VAL B 96 -3.81 16.22 4.05
C VAL B 96 -4.59 15.95 2.77
N ALA B 97 -4.54 14.70 2.28
CA ALA B 97 -5.28 14.34 1.08
C ALA B 97 -6.79 14.43 1.27
N MET B 98 -7.27 14.51 2.52
CA MET B 98 -8.70 14.65 2.75
C MET B 98 -9.23 15.97 2.24
N VAL B 99 -8.39 17.01 2.18
CA VAL B 99 -8.86 18.35 1.80
C VAL B 99 -9.46 18.35 0.40
N PRO B 100 -8.79 17.86 -0.65
CA PRO B 100 -9.43 17.86 -1.98
C PRO B 100 -10.47 16.76 -2.15
N PHE B 101 -10.40 15.67 -1.40
CA PHE B 101 -11.15 14.46 -1.75
C PHE B 101 -12.28 14.10 -0.78
N ALA B 102 -12.18 14.45 0.50
CA ALA B 102 -13.21 14.03 1.44
C ALA B 102 -14.47 14.86 1.24
N PRO B 103 -15.64 14.24 1.25
CA PRO B 103 -16.88 15.01 1.04
C PRO B 103 -17.17 16.00 2.16
N TYR B 104 -16.92 15.62 3.41
CA TYR B 104 -17.26 16.50 4.52
C TYR B 104 -16.29 17.68 4.66
N TRP B 105 -15.23 17.74 3.86
CA TRP B 105 -14.36 18.92 3.84
C TRP B 105 -14.93 20.04 2.98
N LYS B 106 -16.01 19.79 2.23
CA LYS B 106 -16.67 20.87 1.51
C LYS B 106 -17.28 21.89 2.46
N PHE B 107 -17.59 21.47 3.69
CA PHE B 107 -18.03 22.42 4.72
C PHE B 107 -16.96 23.45 5.00
N ILE B 108 -15.68 23.04 4.96
CA ILE B 108 -14.59 23.97 5.19
C ILE B 108 -14.50 24.98 4.06
N ARG B 109 -14.67 24.53 2.81
CA ARG B 109 -14.63 25.44 1.68
C ARG B 109 -15.79 26.42 1.70
N LYS B 110 -16.94 26.00 2.24
CA LYS B 110 -18.07 26.92 2.37
C LYS B 110 -17.79 28.02 3.39
N LEU B 111 -16.88 27.79 4.33
CA LEU B 111 -16.56 28.79 5.34
C LEU B 111 -15.47 29.76 4.86
N ILE B 112 -14.48 29.28 4.10
CA ILE B 112 -13.45 30.17 3.59
C ILE B 112 -14.03 31.12 2.55
N MET B 113 -15.00 30.63 1.75
CA MET B 113 -15.63 31.48 0.74
C MET B 113 -16.52 32.54 1.39
N ASN B 114 -17.14 32.22 2.52
CA ASN B 114 -17.97 33.17 3.25
C ASN B 114 -17.16 34.04 4.20
N ASP B 115 -15.83 33.94 4.18
CA ASP B 115 -14.96 34.69 5.06
C ASP B 115 -15.26 34.42 6.53
N LEU B 116 -15.69 33.19 6.83
CA LEU B 116 -15.97 32.80 8.22
C LEU B 116 -14.74 32.28 8.95
N LEU B 117 -13.70 31.87 8.21
CA LEU B 117 -12.38 31.66 8.78
C LEU B 117 -11.36 32.00 7.71
N ASN B 118 -10.30 32.70 8.12
CA ASN B 118 -9.31 33.20 7.19
C ASN B 118 -7.97 33.23 7.93
N ALA B 119 -7.02 34.00 7.39
CA ALA B 119 -5.71 34.09 8.04
C ALA B 119 -5.81 34.69 9.43
N THR B 120 -6.81 35.54 9.68
CA THR B 120 -6.95 36.15 11.00
C THR B 120 -7.31 35.11 12.06
N THR B 121 -8.09 34.08 11.69
CA THR B 121 -8.39 33.01 12.64
C THR B 121 -7.11 32.33 13.10
N VAL B 122 -6.17 32.11 12.19
CA VAL B 122 -4.89 31.51 12.55
C VAL B 122 -4.04 32.50 13.35
N ASN B 123 -4.11 33.79 12.98
CA ASN B 123 -3.32 34.80 13.69
C ASN B 123 -3.81 34.99 15.11
N LYS B 124 -5.11 34.81 15.37
CA LYS B 124 -5.63 34.98 16.72
C LYS B 124 -5.23 33.85 17.66
N LEU B 125 -4.69 32.75 17.15
CA LEU B 125 -4.19 31.67 17.98
C LEU B 125 -2.75 31.90 18.45
N ARG B 126 -2.14 33.03 18.07
CA ARG B 126 -0.77 33.35 18.48
C ARG B 126 -0.55 33.27 20.00
N PRO B 127 -1.40 33.85 20.85
CA PRO B 127 -1.15 33.74 22.30
C PRO B 127 -1.07 32.31 22.79
N LEU B 128 -1.82 31.39 22.19
CA LEU B 128 -1.73 29.98 22.58
C LEU B 128 -0.38 29.39 22.18
N ARG B 129 0.09 29.68 20.97
CA ARG B 129 1.40 29.20 20.55
C ARG B 129 2.50 29.75 21.44
N SER B 130 2.39 31.02 21.83
CA SER B 130 3.42 31.62 22.68
C SER B 130 3.44 30.96 24.05
N ARG B 131 2.26 30.69 24.62
CA ARG B 131 2.21 30.00 25.91
C ARG B 131 2.86 28.63 25.83
N GLU B 132 2.62 27.90 24.74
CA GLU B 132 3.26 26.60 24.56
C GLU B 132 4.76 26.72 24.45
N ILE B 133 5.24 27.80 23.81
CA ILE B 133 6.68 28.04 23.72
C ILE B 133 7.27 28.31 25.09
N LEU B 134 6.57 29.10 25.91
CA LEU B 134 7.09 29.44 27.23
C LEU B 134 7.28 28.20 28.10
N LYS B 135 6.34 27.24 28.00
CA LYS B 135 6.46 26.02 28.78
C LYS B 135 7.71 25.24 28.41
N VAL B 136 8.08 25.25 27.13
CA VAL B 136 9.32 24.61 26.71
C VAL B 136 10.53 25.35 27.28
N LEU B 137 10.50 26.68 27.24
CA LEU B 137 11.62 27.46 27.78
C LEU B 137 11.72 27.28 29.28
N LYS B 138 10.59 27.08 29.98
CA LYS B 138 10.64 26.90 31.42
C LYS B 138 11.24 25.56 31.81
N VAL B 139 10.87 24.48 31.09
CA VAL B 139 11.46 23.18 31.43
C VAL B 139 12.94 23.16 31.09
N MET B 140 13.37 23.94 30.10
CA MET B 140 14.80 24.09 29.86
C MET B 140 15.47 24.92 30.94
N ALA B 141 14.77 25.92 31.47
CA ALA B 141 15.33 26.71 32.57
C ALA B 141 15.49 25.85 33.82
N ASN B 142 14.53 24.97 34.09
CA ASN B 142 14.65 24.06 35.23
C ASN B 142 15.83 23.11 35.05
N SER B 143 16.01 22.60 33.84
CA SER B 143 17.16 21.74 33.56
C SER B 143 18.46 22.53 33.50
N ALA B 144 18.40 23.83 33.21
CA ALA B 144 19.59 24.65 33.21
C ALA B 144 20.16 24.81 34.60
N GLU B 145 19.30 25.07 35.59
CA GLU B 145 19.76 25.23 36.96
C GLU B 145 20.23 23.91 37.56
N THR B 146 19.51 22.83 37.27
CA THR B 146 19.89 21.52 37.80
C THR B 146 21.04 20.89 37.04
N GLN B 147 21.35 21.39 35.85
CA GLN B 147 22.43 20.86 35.01
C GLN B 147 22.23 19.37 34.69
N GLN B 148 20.97 18.94 34.63
CA GLN B 148 20.66 17.55 34.28
C GLN B 148 20.34 17.43 32.80
N PRO B 149 20.68 16.30 32.19
CA PRO B 149 20.38 16.11 30.76
C PRO B 149 18.89 16.16 30.50
N LEU B 150 18.51 16.89 29.44
CA LEU B 150 17.12 17.03 29.04
C LEU B 150 16.93 16.38 27.67
N ASP B 151 15.94 15.50 27.58
CA ASP B 151 15.58 14.87 26.32
C ASP B 151 14.78 15.87 25.50
N VAL B 152 15.48 16.59 24.61
CA VAL B 152 14.83 17.60 23.79
C VAL B 152 13.87 16.94 22.80
N THR B 153 14.17 15.72 22.35
CA THR B 153 13.28 15.02 21.43
C THR B 153 11.90 14.84 22.04
N GLU B 154 11.85 14.42 23.31
CA GLU B 154 10.56 14.22 23.97
C GLU B 154 9.84 15.55 24.20
N GLU B 155 10.60 16.63 24.46
CA GLU B 155 9.97 17.93 24.68
C GLU B 155 9.38 18.48 23.38
N LEU B 156 10.09 18.30 22.26
CA LEU B 156 9.57 18.77 20.98
C LEU B 156 8.34 17.97 20.56
N LEU B 157 8.32 16.67 20.88
CA LEU B 157 7.15 15.86 20.60
C LEU B 157 5.94 16.34 21.40
N LYS B 158 6.15 16.61 22.69
CA LYS B 158 5.06 17.09 23.53
C LYS B 158 4.65 18.51 23.16
N TRP B 159 5.61 19.35 22.75
CA TRP B 159 5.27 20.72 22.38
C TRP B 159 4.37 20.76 21.15
N THR B 160 4.73 20.01 20.10
CA THR B 160 3.91 19.99 18.90
C THR B 160 2.55 19.37 19.17
N ASN B 161 2.53 18.23 19.89
CA ASN B 161 1.26 17.56 20.18
C ASN B 161 0.34 18.45 21.01
N SER B 162 0.89 19.15 22.00
CA SER B 162 0.07 20.00 22.86
C SER B 162 -0.39 21.25 22.14
N THR B 163 0.47 21.84 21.32
CA THR B 163 0.09 23.05 20.59
C THR B 163 -1.03 22.77 19.60
N ILE B 164 -0.92 21.65 18.87
CA ILE B 164 -1.97 21.27 17.93
C ILE B 164 -3.29 21.08 18.65
N SER B 165 -3.28 20.30 19.74
CA SER B 165 -4.52 20.00 20.45
C SER B 165 -5.08 21.24 21.15
N THR B 166 -4.21 22.12 21.64
CA THR B 166 -4.69 23.33 22.30
C THR B 166 -5.33 24.29 21.30
N MET B 167 -4.64 24.54 20.18
CA MET B 167 -5.20 25.40 19.13
C MET B 167 -6.54 24.87 18.66
N MET B 168 -6.67 23.56 18.54
CA MET B 168 -7.88 22.95 17.99
C MET B 168 -9.02 22.96 19.00
N LEU B 169 -8.77 22.49 20.22
CA LEU B 169 -9.82 22.20 21.18
C LEU B 169 -9.85 23.13 22.38
N GLY B 170 -8.70 23.59 22.86
CA GLY B 170 -8.64 24.54 23.95
C GLY B 170 -7.68 24.08 25.03
N GLU B 171 -7.70 24.80 26.16
CA GLU B 171 -6.82 24.51 27.29
C GLU B 171 -7.55 23.82 28.43
N ALA B 172 -8.74 23.27 28.16
CA ALA B 172 -9.51 22.60 29.20
C ALA B 172 -8.78 21.33 29.67
N GLU B 173 -9.28 20.78 30.79
CA GLU B 173 -8.69 19.56 31.32
C GLU B 173 -8.92 18.38 30.39
N GLU B 174 -10.09 18.33 29.75
CA GLU B 174 -10.39 17.23 28.84
C GLU B 174 -9.52 17.26 27.59
N VAL B 175 -8.95 18.42 27.25
CA VAL B 175 -8.08 18.49 26.08
C VAL B 175 -6.68 18.00 26.42
N ARG B 176 -6.21 18.27 27.63
CA ARG B 176 -4.96 17.67 28.08
C ARG B 176 -5.07 16.16 28.15
N ASP B 177 -6.26 15.64 28.45
CA ASP B 177 -6.46 14.19 28.44
C ASP B 177 -6.44 13.64 27.03
N ILE B 178 -7.14 14.31 26.10
CA ILE B 178 -7.16 13.83 24.72
C ILE B 178 -5.79 13.97 24.08
N ALA B 179 -5.01 14.96 24.51
CA ALA B 179 -3.65 15.11 23.97
C ALA B 179 -2.75 13.98 24.45
N ARG B 180 -2.84 13.61 25.73
CA ARG B 180 -2.08 12.47 26.23
C ARG B 180 -2.50 11.18 25.53
N ASP B 181 -3.78 11.07 25.16
CA ASP B 181 -4.24 9.86 24.49
C ASP B 181 -3.83 9.84 23.03
N VAL B 182 -3.95 10.97 22.33
CA VAL B 182 -3.50 11.05 20.94
C VAL B 182 -2.02 10.72 20.86
N LEU B 183 -1.23 11.20 21.82
CA LEU B 183 0.21 10.90 21.83
C LEU B 183 0.45 9.40 21.95
N LYS B 184 -0.35 8.71 22.77
CA LYS B 184 -0.19 7.26 22.92
C LYS B 184 -0.58 6.53 21.64
N ILE B 185 -1.67 6.97 20.99
CA ILE B 185 -2.04 6.39 19.71
C ILE B 185 -0.93 6.61 18.70
N PHE B 186 -0.30 7.79 18.73
CA PHE B 186 0.82 8.06 17.83
C PHE B 186 1.98 7.13 18.09
N GLY B 187 2.22 6.77 19.36
CA GLY B 187 3.29 5.85 19.67
C GLY B 187 3.08 4.47 19.08
N GLU B 188 1.83 4.00 19.06
CA GLU B 188 1.52 2.70 18.47
C GLU B 188 1.59 2.76 16.95
N TYR B 189 1.24 3.90 16.35
CA TYR B 189 1.25 4.02 14.90
C TYR B 189 2.68 4.15 14.37
N SER B 190 3.51 4.93 15.06
CA SER B 190 4.87 5.21 14.58
C SER B 190 5.78 4.00 14.61
N VAL B 191 5.34 2.88 15.19
CA VAL B 191 6.17 1.68 15.24
C VAL B 191 6.50 1.21 13.83
N THR B 192 5.47 0.91 13.05
CA THR B 192 5.63 0.45 11.67
C THR B 192 5.17 1.56 10.72
N ASN B 193 5.99 2.60 10.61
CA ASN B 193 5.71 3.75 9.75
C ASN B 193 6.88 3.96 8.80
N PHE B 194 7.03 3.04 7.85
CA PHE B 194 8.09 3.09 6.85
C PHE B 194 7.58 3.70 5.55
N ILE B 195 8.53 4.08 4.70
CA ILE B 195 8.20 4.65 3.39
C ILE B 195 7.35 3.66 2.59
N TRP B 196 7.68 2.38 2.66
CA TRP B 196 6.98 1.34 1.92
C TRP B 196 7.34 0.01 2.56
N PRO B 197 6.40 -0.95 2.66
CA PRO B 197 5.01 -0.83 2.21
C PRO B 197 4.06 -0.37 3.31
N LEU B 198 2.78 -0.26 2.96
CA LEU B 198 1.76 -0.03 3.95
C LEU B 198 1.72 -1.16 4.95
N ASN B 199 2.43 -1.00 6.07
CA ASN B 199 2.58 -2.07 7.04
C ASN B 199 1.24 -2.54 7.59
N LYS B 200 0.22 -1.70 7.53
CA LYS B 200 -1.14 -2.03 7.96
C LYS B 200 -1.07 -2.39 9.46
N PHE B 201 -1.82 -3.39 9.91
CA PHE B 201 -1.82 -3.77 11.32
C PHE B 201 -1.80 -5.29 11.42
N LYS B 202 -1.44 -5.78 12.61
CA LYS B 202 -1.50 -7.20 12.88
C LYS B 202 -2.92 -7.64 13.22
N PHE B 203 -3.63 -8.16 12.23
CA PHE B 203 -5.02 -8.56 12.43
C PHE B 203 -5.13 -9.77 13.35
N ASP B 207 -3.94 -6.67 23.36
CA ASP B 207 -3.56 -5.74 24.41
C ASP B 207 -4.74 -5.19 25.19
N LYS B 208 -4.72 -5.40 26.51
CA LYS B 208 -5.79 -4.95 27.37
C LYS B 208 -5.80 -3.44 27.57
N ARG B 209 -4.70 -2.90 28.11
CA ARG B 209 -4.62 -1.46 28.30
C ARG B 209 -4.57 -0.70 27.00
N THR B 210 -4.10 -1.33 25.93
CA THR B 210 -4.10 -0.68 24.62
C THR B 210 -5.52 -0.39 24.14
N GLU B 211 -6.47 -1.27 24.47
CA GLU B 211 -7.87 -0.96 24.20
C GLU B 211 -8.32 0.26 24.98
N GLU B 212 -7.82 0.41 26.21
CA GLU B 212 -8.11 1.61 26.97
C GLU B 212 -7.63 2.87 26.27
N ILE B 213 -6.47 2.79 25.62
CA ILE B 213 -5.99 3.91 24.81
C ILE B 213 -6.97 4.21 23.69
N PHE B 214 -7.51 3.17 23.06
CA PHE B 214 -8.41 3.38 21.93
C PHE B 214 -9.83 3.69 22.39
N ASN B 215 -10.32 3.00 23.43
CA ASN B 215 -11.69 3.17 23.87
C ASN B 215 -11.92 4.47 24.63
N LYS B 216 -10.87 5.21 24.98
CA LYS B 216 -11.04 6.47 25.69
C LYS B 216 -11.02 7.67 24.77
N TYR B 217 -10.67 7.51 23.50
CA TYR B 217 -10.61 8.65 22.59
C TYR B 217 -12.01 9.19 22.29
N ASP B 218 -12.90 8.32 21.81
CA ASP B 218 -14.23 8.77 21.41
C ASP B 218 -15.03 9.37 22.56
N PRO B 219 -15.02 8.83 23.79
CA PRO B 219 -15.75 9.52 24.87
C PRO B 219 -15.20 10.91 25.16
N ILE B 220 -13.88 11.05 25.26
CA ILE B 220 -13.29 12.35 25.60
C ILE B 220 -13.60 13.38 24.53
N ILE B 221 -13.46 13.00 23.26
CA ILE B 221 -13.68 13.96 22.19
C ILE B 221 -15.15 14.39 22.13
N GLU B 222 -16.08 13.49 22.49
CA GLU B 222 -17.48 13.86 22.50
C GLU B 222 -17.78 14.89 23.58
N LYS B 223 -17.14 14.76 24.75
CA LYS B 223 -17.37 15.73 25.82
C LYS B 223 -16.74 17.07 25.48
N VAL B 224 -15.63 17.08 24.75
CA VAL B 224 -15.00 18.34 24.35
C VAL B 224 -15.88 19.06 23.33
N ILE B 225 -16.38 18.33 22.33
CA ILE B 225 -17.22 18.94 21.30
C ILE B 225 -18.49 19.50 21.91
N LYS B 226 -19.11 18.76 22.84
CA LYS B 226 -20.33 19.24 23.47
C LYS B 226 -20.06 20.47 24.34
N LYS B 227 -18.96 20.44 25.10
CA LYS B 227 -18.62 21.60 25.93
C LYS B 227 -18.36 22.83 25.09
N ARG B 228 -17.57 22.69 24.02
CA ARG B 228 -17.34 23.82 23.12
C ARG B 228 -18.62 24.25 22.42
N GLN B 229 -19.52 23.29 22.15
CA GLN B 229 -20.80 23.65 21.53
C GLN B 229 -21.64 24.51 22.47
N GLU B 230 -21.62 24.22 23.77
CA GLU B 230 -22.35 25.04 24.74
C GLU B 230 -21.78 26.44 24.81
N ILE B 231 -20.46 26.57 24.70
CA ILE B 231 -19.83 27.89 24.68
C ILE B 231 -20.27 28.67 23.44
N VAL B 232 -20.41 27.97 22.31
CA VAL B 232 -20.84 28.63 21.08
C VAL B 232 -22.30 29.04 21.16
N ASN B 233 -23.14 28.21 21.79
CA ASN B 233 -24.56 28.53 21.88
C ASN B 233 -24.81 29.74 22.77
N LYS B 234 -24.05 29.85 23.87
CA LYS B 234 -24.23 30.99 24.77
C LYS B 234 -23.81 32.30 24.09
N ARG B 235 -22.62 32.31 23.49
CA ARG B 235 -22.17 33.52 22.80
C ARG B 235 -23.00 33.84 21.57
N LYS B 236 -23.70 32.86 21.00
CA LYS B 236 -24.56 33.13 19.87
C LYS B 236 -25.85 33.83 20.25
N ASN B 237 -26.40 33.46 21.41
CA ASN B 237 -27.64 34.07 21.88
C ASN B 237 -27.40 35.27 22.77
N GLY B 238 -26.22 35.89 22.64
CA GLY B 238 -25.88 37.07 23.40
C GLY B 238 -25.54 36.83 24.86
N GLU B 239 -25.56 35.58 25.31
CA GLU B 239 -25.25 35.29 26.70
C GLU B 239 -23.77 35.46 26.98
N ILE B 240 -23.45 36.04 28.14
CA ILE B 240 -22.06 36.21 28.52
C ILE B 240 -21.44 34.92 29.01
N VAL B 241 -20.16 34.76 28.71
CA VAL B 241 -19.39 33.57 29.07
C VAL B 241 -18.17 34.00 29.87
N GLU B 242 -17.88 33.26 30.94
CA GLU B 242 -16.74 33.52 31.80
C GLU B 242 -15.65 32.48 31.55
N GLY B 243 -14.41 32.89 31.80
CA GLY B 243 -13.28 31.98 31.67
C GLY B 243 -12.78 31.80 30.26
N GLU B 244 -13.64 31.29 29.37
CA GLU B 244 -13.26 31.05 27.98
C GLU B 244 -12.93 32.36 27.27
N GLN B 245 -11.68 32.80 27.41
CA GLN B 245 -11.24 34.02 26.76
C GLN B 245 -10.63 33.78 25.41
N ASN B 246 -9.85 32.70 25.29
CA ASN B 246 -9.22 32.34 24.04
C ASN B 246 -10.14 31.52 23.16
N VAL B 247 -10.29 31.95 21.91
CA VAL B 247 -11.15 31.25 20.97
C VAL B 247 -10.43 30.07 20.33
N VAL B 248 -11.02 28.88 20.45
CA VAL B 248 -10.42 27.68 19.91
C VAL B 248 -10.86 27.51 18.45
N PHE B 249 -10.08 26.76 17.70
CA PHE B 249 -10.37 26.61 16.27
C PHE B 249 -11.68 25.88 16.05
N LEU B 250 -11.99 24.88 16.89
CA LEU B 250 -13.22 24.12 16.72
C LEU B 250 -14.46 25.01 16.88
N ASP B 251 -14.35 26.09 17.66
CA ASP B 251 -15.50 26.97 17.87
C ASP B 251 -15.95 27.61 16.56
N THR B 252 -14.99 27.94 15.68
CA THR B 252 -15.36 28.52 14.39
C THR B 252 -16.16 27.53 13.54
N LEU B 253 -15.88 26.24 13.67
CA LEU B 253 -16.63 25.24 12.93
C LEU B 253 -18.00 24.99 13.54
N LEU B 254 -18.05 24.88 14.87
CA LEU B 254 -19.32 24.63 15.55
C LEU B 254 -20.29 25.81 15.44
N GLU B 255 -19.78 27.01 15.14
CA GLU B 255 -20.65 28.18 15.04
C GLU B 255 -21.56 28.09 13.83
N PHE B 256 -21.02 27.74 12.67
CA PHE B 256 -21.77 27.64 11.44
C PHE B 256 -22.15 26.20 11.09
N ALA B 257 -22.14 25.30 12.08
CA ALA B 257 -22.50 23.92 11.83
C ALA B 257 -23.98 23.67 11.63
N GLN B 258 -24.83 24.66 11.92
CA GLN B 258 -26.25 24.51 11.73
C GLN B 258 -26.88 25.77 11.17
N ASP B 259 -26.07 26.60 10.52
CA ASP B 259 -26.55 27.86 9.98
C ASP B 259 -27.49 27.63 8.80
N GLU B 260 -28.34 28.61 8.55
CA GLU B 260 -29.31 28.54 7.47
C GLU B 260 -28.74 28.96 6.12
N LYS B 265 -25.41 21.93 6.67
CA LYS B 265 -25.62 21.20 7.90
C LYS B 265 -24.74 19.96 8.03
N ILE B 266 -23.64 20.08 8.75
CA ILE B 266 -22.71 18.98 8.96
C ILE B 266 -23.07 18.27 10.25
N THR B 267 -22.83 16.95 10.29
CA THR B 267 -23.25 16.13 11.41
C THR B 267 -22.16 16.05 12.48
N LYS B 268 -22.53 15.45 13.61
CA LYS B 268 -21.59 15.32 14.72
C LYS B 268 -20.43 14.39 14.35
N GLU B 269 -20.73 13.26 13.71
CA GLU B 269 -19.67 12.33 13.34
C GLU B 269 -18.75 12.92 12.29
N GLN B 270 -19.27 13.80 11.44
CA GLN B 270 -18.42 14.45 10.44
C GLN B 270 -17.56 15.55 11.06
N ILE B 271 -18.04 16.18 12.13
CA ILE B 271 -17.18 17.06 12.92
C ILE B 271 -16.05 16.26 13.56
N LYS B 272 -16.38 15.06 14.07
CA LYS B 272 -15.36 14.20 14.64
C LYS B 272 -14.36 13.74 13.58
N GLY B 273 -14.82 13.51 12.35
CA GLY B 273 -13.90 13.17 11.28
C GLY B 273 -12.92 14.29 10.99
N LEU B 274 -13.38 15.54 11.10
CA LEU B 274 -12.49 16.68 10.90
C LEU B 274 -11.38 16.70 11.95
N VAL B 275 -11.72 16.52 13.23
CA VAL B 275 -10.68 16.60 14.25
C VAL B 275 -9.73 15.41 14.14
N VAL B 276 -10.21 14.25 13.67
CA VAL B 276 -9.30 13.16 13.32
C VAL B 276 -8.34 13.61 12.24
N ASP B 277 -8.85 14.25 11.20
CA ASP B 277 -8.00 14.76 10.14
C ASP B 277 -7.03 15.82 10.68
N PHE B 278 -7.49 16.63 11.62
CA PHE B 278 -6.62 17.66 12.20
C PHE B 278 -5.47 17.05 12.98
N PHE B 279 -5.69 15.89 13.61
CA PHE B 279 -4.66 15.26 14.43
C PHE B 279 -3.65 14.46 13.63
N SER B 280 -3.93 14.13 12.36
CA SER B 280 -3.12 13.17 11.64
C SER B 280 -2.67 13.71 10.29
N ALA B 281 -2.28 14.98 10.24
CA ALA B 281 -1.79 15.58 9.01
C ALA B 281 -0.27 15.72 8.97
N GLY B 282 0.44 15.18 9.95
CA GLY B 282 1.88 15.23 9.95
C GLY B 282 2.47 16.18 10.98
N THR B 283 1.84 16.24 12.16
CA THR B 283 2.34 17.09 13.23
C THR B 283 3.79 16.81 13.54
N ASP B 284 4.20 15.54 13.48
CA ASP B 284 5.55 15.14 13.87
C ASP B 284 6.61 15.70 12.95
N SER B 285 6.26 16.11 11.72
CA SER B 285 7.25 16.71 10.84
C SER B 285 7.87 17.95 11.47
N THR B 286 7.07 18.73 12.20
CA THR B 286 7.58 19.95 12.82
C THR B 286 8.52 19.62 13.98
N ALA B 287 8.17 18.62 14.80
CA ALA B 287 9.07 18.19 15.86
C ALA B 287 10.36 17.63 15.29
N VAL B 288 10.28 16.91 14.17
CA VAL B 288 11.46 16.33 13.56
C VAL B 288 12.35 17.41 12.97
N SER B 289 11.76 18.36 12.23
CA SER B 289 12.55 19.39 11.58
C SER B 289 13.17 20.33 12.59
N THR B 290 12.46 20.62 13.69
CA THR B 290 13.04 21.48 14.72
C THR B 290 14.28 20.84 15.33
N GLU B 291 14.23 19.52 15.55
CA GLU B 291 15.39 18.82 16.11
C GLU B 291 16.56 18.81 15.12
N TRP B 292 16.29 18.61 13.84
CA TRP B 292 17.36 18.69 12.84
C TRP B 292 17.98 20.08 12.82
N THR B 293 17.17 21.12 12.99
CA THR B 293 17.69 22.49 12.94
C THR B 293 18.54 22.79 14.16
N LEU B 294 18.05 22.42 15.35
CA LEU B 294 18.83 22.61 16.57
C LEU B 294 20.15 21.85 16.51
N SER B 295 20.11 20.62 15.98
CA SER B 295 21.31 19.80 15.92
C SER B 295 22.35 20.41 14.98
N GLU B 296 21.90 20.96 13.84
CA GLU B 296 22.84 21.63 12.95
C GLU B 296 23.45 22.86 13.60
N LEU B 297 22.64 23.61 14.36
CA LEU B 297 23.17 24.78 15.06
C LEU B 297 24.18 24.38 16.12
N ILE B 298 23.99 23.23 16.78
CA ILE B 298 24.97 22.74 17.73
C ILE B 298 26.26 22.37 17.01
N ASN B 299 26.16 21.71 15.86
CA ASN B 299 27.33 21.28 15.11
C ASN B 299 28.01 22.39 14.32
N ASN B 300 27.39 23.58 14.25
CA ASN B 300 27.93 24.70 13.48
C ASN B 300 27.93 25.94 14.36
N PRO B 301 28.90 26.07 15.26
CA PRO B 301 28.91 27.23 16.18
C PRO B 301 29.03 28.57 15.47
N ARG B 302 29.58 28.62 14.27
CA ARG B 302 29.65 29.88 13.53
C ARG B 302 28.26 30.39 13.21
N VAL B 303 27.38 29.51 12.71
CA VAL B 303 26.02 29.91 12.38
C VAL B 303 25.24 30.26 13.64
N LEU B 304 25.40 29.46 14.70
CA LEU B 304 24.70 29.73 15.95
C LEU B 304 25.11 31.08 16.54
N LYS B 305 26.40 31.39 16.49
CA LYS B 305 26.86 32.70 16.93
C LYS B 305 26.21 33.81 16.11
N LYS B 306 26.22 33.66 14.78
CA LYS B 306 25.62 34.68 13.91
C LYS B 306 24.10 34.76 14.12
N ALA B 307 23.47 33.64 14.49
CA ALA B 307 22.03 33.66 14.70
C ALA B 307 21.66 34.47 15.95
N ARG B 308 22.45 34.33 17.02
CA ARG B 308 22.17 35.08 18.24
C ARG B 308 22.41 36.58 18.04
N GLU B 309 23.36 36.94 17.17
CA GLU B 309 23.64 38.36 16.93
C GLU B 309 22.46 39.03 16.21
N GLU B 310 21.79 38.30 15.31
CA GLU B 310 20.62 38.86 14.66
C GLU B 310 19.49 39.08 15.66
N ILE B 311 19.24 38.08 16.51
CA ILE B 311 18.17 38.19 17.49
C ILE B 311 18.47 39.30 18.50
N ASP B 312 19.73 39.39 18.93
CA ASP B 312 20.09 40.45 19.88
C ASP B 312 20.02 41.83 19.26
N SER B 313 20.17 41.92 17.94
CA SER B 313 20.09 43.20 17.24
C SER B 313 18.66 43.55 16.83
N VAL B 314 17.92 42.57 16.30
CA VAL B 314 16.57 42.84 15.81
C VAL B 314 15.57 42.87 16.96
N VAL B 315 15.62 41.89 17.85
CA VAL B 315 14.68 41.78 18.96
C VAL B 315 15.25 42.37 20.24
N GLY B 316 16.49 42.05 20.57
CA GLY B 316 17.12 42.53 21.79
C GLY B 316 17.17 41.47 22.87
N LYS B 317 17.55 41.92 24.06
CA LYS B 317 17.66 41.05 25.23
C LYS B 317 16.62 41.37 26.30
N ASP B 318 15.63 42.22 25.98
CA ASP B 318 14.68 42.68 26.98
C ASP B 318 13.32 41.99 26.88
N ARG B 319 13.01 41.34 25.76
CA ARG B 319 11.77 40.59 25.63
C ARG B 319 12.01 39.37 24.75
N LEU B 320 11.22 38.34 24.98
CA LEU B 320 11.31 37.13 24.17
C LEU B 320 10.94 37.42 22.73
N VAL B 321 11.55 36.67 21.81
CA VAL B 321 11.21 36.80 20.40
C VAL B 321 9.75 36.41 20.21
N ASP B 322 9.05 37.16 19.36
CA ASP B 322 7.65 36.94 19.06
C ASP B 322 7.50 36.46 17.62
N GLU B 323 6.39 35.76 17.35
CA GLU B 323 6.13 35.29 16.00
C GLU B 323 6.15 36.42 14.98
N SER B 324 5.76 37.63 15.40
CA SER B 324 5.79 38.78 14.52
C SER B 324 7.20 39.22 14.16
N ASP B 325 8.22 38.75 14.89
CA ASP B 325 9.60 39.11 14.59
C ASP B 325 10.21 38.25 13.49
N VAL B 326 9.59 37.12 13.15
CA VAL B 326 10.19 36.19 12.20
C VAL B 326 10.39 36.86 10.85
N GLN B 327 9.42 37.67 10.42
CA GLN B 327 9.54 38.37 9.14
C GLN B 327 10.73 39.31 9.10
N ASN B 328 11.25 39.73 10.27
CA ASN B 328 12.42 40.59 10.34
C ASN B 328 13.67 39.83 10.74
N LEU B 329 13.65 38.50 10.71
CA LEU B 329 14.80 37.67 11.06
C LEU B 329 15.19 36.82 9.85
N PRO B 330 15.77 37.45 8.82
CA PRO B 330 16.09 36.70 7.60
C PRO B 330 17.13 35.60 7.81
N TYR B 331 18.10 35.80 8.71
CA TYR B 331 19.10 34.76 8.92
C TYR B 331 18.51 33.54 9.61
N ILE B 332 17.65 33.77 10.61
CA ILE B 332 16.95 32.66 11.25
C ILE B 332 16.11 31.92 10.22
N LYS B 333 15.44 32.65 9.32
CA LYS B 333 14.65 32.01 8.29
C LYS B 333 15.53 31.21 7.33
N ALA B 334 16.74 31.72 7.04
CA ALA B 334 17.67 30.98 6.21
C ALA B 334 18.16 29.73 6.91
N ILE B 335 18.27 29.76 8.23
CA ILE B 335 18.68 28.57 8.98
C ILE B 335 17.63 27.47 8.86
N VAL B 336 16.35 27.85 8.91
CA VAL B 336 15.29 26.86 8.71
C VAL B 336 15.32 26.31 7.29
N LYS B 337 15.51 27.19 6.30
CA LYS B 337 15.60 26.74 4.92
C LYS B 337 16.76 25.78 4.72
N GLU B 338 17.91 26.11 5.30
CA GLU B 338 19.09 25.26 5.14
C GLU B 338 18.92 23.93 5.84
N ALA B 339 18.20 23.91 6.97
CA ALA B 339 17.92 22.64 7.64
C ALA B 339 16.98 21.78 6.82
N PHE B 340 15.98 22.39 6.18
CA PHE B 340 15.06 21.63 5.34
C PHE B 340 15.74 21.12 4.07
N ARG B 341 16.69 21.87 3.53
CA ARG B 341 17.42 21.41 2.35
C ARG B 341 18.18 20.11 2.66
N LEU B 342 18.90 20.09 3.79
CA LEU B 342 19.74 18.94 4.11
C LEU B 342 18.95 17.82 4.78
N HIS B 343 17.91 18.13 5.54
CA HIS B 343 17.18 17.13 6.32
C HIS B 343 15.68 17.34 6.19
N PRO B 344 15.14 17.19 4.97
CA PRO B 344 13.68 17.21 4.82
C PRO B 344 13.05 16.13 5.67
N PRO B 345 12.01 16.47 6.45
CA PRO B 345 11.38 15.43 7.29
C PRO B 345 10.90 14.24 6.49
N LEU B 346 10.39 14.48 5.27
CA LEU B 346 10.01 13.43 4.34
C LEU B 346 11.06 13.42 3.23
N PRO B 347 12.15 12.67 3.37
CA PRO B 347 13.19 12.68 2.31
C PRO B 347 12.68 12.19 0.98
N VAL B 348 11.64 11.35 0.98
CA VAL B 348 11.00 10.88 -0.23
C VAL B 348 9.53 11.28 -0.16
N VAL B 349 9.11 12.14 -1.09
CA VAL B 349 7.73 12.59 -1.17
C VAL B 349 6.99 11.71 -2.17
N LYS B 350 5.87 11.14 -1.73
CA LYS B 350 5.11 10.18 -2.52
C LYS B 350 3.90 10.82 -3.15
N ARG B 351 3.65 10.50 -4.42
CA ARG B 351 2.43 10.84 -5.12
C ARG B 351 1.97 9.63 -5.92
N LYS B 352 0.73 9.69 -6.40
CA LYS B 352 0.15 8.66 -7.25
C LYS B 352 -0.25 9.28 -8.57
N CYS B 353 0.09 8.60 -9.67
CA CYS B 353 -0.34 9.05 -10.99
C CYS B 353 -1.83 8.78 -11.17
N THR B 354 -2.58 9.81 -11.56
CA THR B 354 -4.03 9.70 -11.67
C THR B 354 -4.51 9.26 -13.03
N GLN B 355 -3.67 9.38 -14.06
CA GLN B 355 -4.03 9.03 -15.42
C GLN B 355 -2.74 8.97 -16.24
N GLU B 356 -2.76 8.14 -17.29
CA GLU B 356 -1.60 8.03 -18.17
C GLU B 356 -1.16 9.41 -18.66
N CYS B 357 0.14 9.66 -18.64
CA CYS B 357 0.67 10.96 -19.01
C CYS B 357 2.07 10.79 -19.57
N GLU B 358 2.57 11.87 -20.16
CA GLU B 358 3.94 11.93 -20.66
C GLU B 358 4.74 12.90 -19.80
N ILE B 359 5.91 12.45 -19.36
CA ILE B 359 6.81 13.24 -18.52
C ILE B 359 8.20 13.14 -19.12
N ASP B 360 8.69 14.24 -19.67
CA ASP B 360 10.02 14.28 -20.30
C ASP B 360 10.15 13.23 -21.40
N GLY B 361 9.10 13.09 -22.20
CA GLY B 361 9.09 12.13 -23.28
C GLY B 361 8.76 10.71 -22.88
N TYR B 362 8.77 10.38 -21.59
CA TYR B 362 8.45 9.04 -21.13
C TYR B 362 6.98 8.96 -20.75
N VAL B 363 6.45 7.73 -20.79
CA VAL B 363 5.09 7.46 -20.40
C VAL B 363 5.06 7.06 -18.93
N VAL B 364 4.17 7.66 -18.16
CA VAL B 364 3.91 7.30 -16.78
C VAL B 364 2.51 6.71 -16.72
N PRO B 365 2.35 5.45 -16.30
CA PRO B 365 1.04 4.80 -16.38
C PRO B 365 0.13 5.20 -15.23
N GLU B 366 -1.17 5.05 -15.48
CA GLU B 366 -2.16 5.34 -14.44
C GLU B 366 -1.94 4.44 -13.23
N GLY B 367 -1.99 5.03 -12.04
CA GLY B 367 -1.82 4.30 -10.81
C GLY B 367 -0.38 4.12 -10.36
N ALA B 368 0.60 4.55 -11.16
CA ALA B 368 1.99 4.41 -10.78
C ALA B 368 2.27 5.19 -9.50
N LEU B 369 3.10 4.62 -8.64
CA LEU B 369 3.63 5.35 -7.51
C LEU B 369 4.72 6.29 -7.99
N ILE B 370 4.69 7.54 -7.52
CA ILE B 370 5.67 8.56 -7.90
C ILE B 370 6.46 8.95 -6.66
N LEU B 371 7.78 8.91 -6.77
CA LEU B 371 8.66 9.24 -5.65
C LEU B 371 9.50 10.44 -6.02
N PHE B 372 9.33 11.52 -5.26
CA PHE B 372 10.20 12.70 -5.34
C PHE B 372 11.35 12.50 -4.37
N ASN B 373 12.57 12.36 -4.89
CA ASN B 373 13.75 12.25 -4.01
C ASN B 373 14.21 13.66 -3.63
N VAL B 374 13.44 14.26 -2.73
CA VAL B 374 13.74 15.62 -2.26
C VAL B 374 15.10 15.65 -1.57
N TRP B 375 15.41 14.61 -0.80
CA TRP B 375 16.70 14.53 -0.12
C TRP B 375 17.86 14.60 -1.11
N ALA B 376 17.72 13.93 -2.27
CA ALA B 376 18.78 13.95 -3.28
C ALA B 376 18.96 15.34 -3.86
N VAL B 377 17.86 16.05 -4.14
CA VAL B 377 17.95 17.38 -4.71
C VAL B 377 18.65 18.33 -3.75
N GLY B 378 18.35 18.22 -2.45
CA GLY B 378 18.98 19.08 -1.46
C GLY B 378 20.48 18.91 -1.34
N ARG B 379 21.02 17.78 -1.80
CA ARG B 379 22.46 17.53 -1.72
C ARG B 379 23.10 17.47 -3.10
N ASP B 380 22.38 17.84 -4.14
CA ASP B 380 22.90 17.78 -5.49
C ASP B 380 23.77 19.00 -5.76
N PRO B 381 25.05 18.84 -6.09
CA PRO B 381 25.89 20.01 -6.39
C PRO B 381 25.47 20.76 -7.64
N LYS B 382 24.59 20.19 -8.46
CA LYS B 382 24.11 20.92 -9.64
C LYS B 382 23.20 22.06 -9.27
N TYR B 383 22.65 22.07 -8.05
CA TYR B 383 21.80 23.15 -7.58
C TYR B 383 22.38 23.93 -6.40
N TRP B 384 23.37 23.38 -5.70
CA TRP B 384 23.89 24.00 -4.49
C TRP B 384 25.41 23.97 -4.49
N VAL B 385 26.02 25.11 -4.19
CA VAL B 385 27.48 25.20 -4.07
C VAL B 385 27.91 24.57 -2.75
N LYS B 386 28.77 23.55 -2.83
CA LYS B 386 29.22 22.78 -1.67
C LYS B 386 28.01 22.36 -0.83
N PRO B 387 27.17 21.46 -1.34
CA PRO B 387 25.89 21.18 -0.65
C PRO B 387 26.04 20.50 0.70
N LEU B 388 27.20 19.94 1.01
CA LEU B 388 27.37 19.29 2.31
C LEU B 388 27.62 20.28 3.44
N GLU B 389 27.77 21.57 3.13
CA GLU B 389 28.00 22.58 4.16
C GLU B 389 26.69 23.16 4.63
N PHE B 390 26.51 23.22 5.95
CA PHE B 390 25.38 23.93 6.54
C PHE B 390 25.72 25.41 6.52
N ARG B 391 25.26 26.09 5.48
CA ARG B 391 25.63 27.49 5.23
C ARG B 391 24.38 28.26 4.85
N PRO B 392 23.67 28.82 5.83
CA PRO B 392 22.44 29.57 5.52
C PRO B 392 22.67 30.79 4.63
N GLU B 393 23.90 31.29 4.54
CA GLU B 393 24.17 32.46 3.71
C GLU B 393 23.87 32.19 2.24
N ARG B 394 23.80 30.94 1.82
CA ARG B 394 23.49 30.63 0.43
C ARG B 394 22.11 31.14 0.04
N PHE B 395 21.19 31.23 0.99
CA PHE B 395 19.87 31.78 0.75
C PHE B 395 19.82 33.30 0.91
N ILE B 396 20.96 33.93 1.24
CA ILE B 396 21.04 35.38 1.38
C ILE B 396 21.79 35.93 0.19
N GLU B 397 22.68 35.12 -0.37
CA GLU B 397 23.48 35.52 -1.53
C GLU B 397 22.79 35.10 -2.83
N ASP B 408 5.97 30.00 3.27
CA ASP B 408 7.04 29.65 2.35
C ASP B 408 8.40 29.76 3.05
N LEU B 409 8.35 29.82 4.38
CA LEU B 409 9.57 29.99 5.17
C LEU B 409 10.48 28.77 5.08
N ARG B 410 9.93 27.59 4.85
CA ARG B 410 10.74 26.39 4.73
C ARG B 410 11.50 26.34 3.41
N GLY B 411 11.12 27.15 2.43
CA GLY B 411 11.83 27.19 1.17
C GLY B 411 11.73 25.93 0.34
N GLN B 412 10.63 25.20 0.45
CA GLN B 412 10.44 23.98 -0.32
C GLN B 412 10.10 24.31 -1.78
N HIS B 413 10.44 23.39 -2.67
CA HIS B 413 10.22 23.61 -4.09
C HIS B 413 8.74 23.67 -4.47
N PHE B 414 7.85 23.25 -3.58
CA PHE B 414 6.44 23.14 -3.90
C PHE B 414 5.65 22.97 -2.61
N THR B 415 4.33 22.99 -2.74
CA THR B 415 3.41 22.72 -1.65
C THR B 415 2.75 21.37 -1.84
N LEU B 416 2.11 20.88 -0.77
CA LEU B 416 1.43 19.59 -0.85
C LEU B 416 0.19 19.67 -1.74
N LEU B 417 -0.55 20.76 -1.62
CA LEU B 417 -1.78 20.99 -2.36
C LEU B 417 -1.65 22.26 -3.19
N PRO B 418 -2.44 22.40 -4.25
CA PRO B 418 -2.35 23.62 -5.07
C PRO B 418 -2.81 24.86 -4.31
N PHE B 419 -2.40 26.01 -4.83
CA PHE B 419 -2.80 27.27 -4.23
C PHE B 419 -4.32 27.41 -4.26
N GLY B 420 -4.86 28.01 -3.20
CA GLY B 420 -6.30 28.11 -3.04
C GLY B 420 -6.94 26.97 -2.29
N SER B 421 -6.15 26.08 -1.68
CA SER B 421 -6.66 24.95 -0.93
C SER B 421 -6.87 25.25 0.54
N GLY B 422 -6.58 26.47 0.99
CA GLY B 422 -6.71 26.83 2.38
C GLY B 422 -5.44 26.79 3.19
N ARG B 423 -4.27 26.81 2.55
CA ARG B 423 -3.00 26.74 3.26
C ARG B 423 -2.86 27.84 4.30
N ARG B 424 -3.27 29.06 3.96
CA ARG B 424 -3.13 30.19 4.87
C ARG B 424 -4.17 30.20 5.98
N MET B 425 -5.15 29.30 5.94
CA MET B 425 -6.17 29.17 6.97
C MET B 425 -5.87 28.05 7.95
N CYS B 426 -4.70 27.41 7.83
CA CYS B 426 -4.44 26.18 8.58
C CYS B 426 -3.53 26.44 9.76
N PRO B 427 -3.93 26.08 10.97
CA PRO B 427 -3.02 26.25 12.12
C PRO B 427 -1.81 25.34 12.05
N GLY B 428 -1.92 24.16 11.43
CA GLY B 428 -0.78 23.27 11.35
C GLY B 428 0.32 23.79 10.44
N VAL B 429 -0.06 24.37 9.29
CA VAL B 429 0.92 24.99 8.42
C VAL B 429 1.63 26.14 9.13
N ASN B 430 0.88 26.92 9.92
CA ASN B 430 1.50 28.03 10.65
C ASN B 430 2.48 27.52 11.68
N LEU B 431 2.12 26.48 12.43
CA LEU B 431 3.04 25.91 13.41
C LEU B 431 4.28 25.34 12.73
N ALA B 432 4.11 24.75 11.55
CA ALA B 432 5.23 24.16 10.83
C ALA B 432 6.17 25.20 10.21
N THR B 433 5.76 26.47 10.19
CA THR B 433 6.58 27.51 9.57
C THR B 433 6.90 28.61 10.57
N ALA B 434 5.97 29.54 10.78
CA ALA B 434 6.22 30.65 11.70
C ALA B 434 6.38 30.16 13.13
N GLY B 435 5.61 29.14 13.51
CA GLY B 435 5.66 28.66 14.89
C GLY B 435 6.99 28.01 15.26
N MET B 436 7.51 27.17 14.36
CA MET B 436 8.77 26.48 14.68
C MET B 436 9.96 27.40 14.59
N ALA B 437 9.93 28.38 13.69
CA ALA B 437 11.00 29.38 13.65
C ALA B 437 11.05 30.20 14.92
N THR B 438 9.87 30.51 15.48
CA THR B 438 9.83 31.23 16.76
C THR B 438 10.39 30.37 17.89
N MET B 439 10.06 29.08 17.90
CA MET B 439 10.57 28.19 18.93
C MET B 439 12.08 28.08 18.87
N ILE B 440 12.64 27.94 17.66
CA ILE B 440 14.08 27.84 17.50
C ILE B 440 14.77 29.12 17.96
N ALA B 441 14.23 30.27 17.54
CA ALA B 441 14.80 31.55 17.94
C ALA B 441 14.67 31.78 19.43
N SER B 442 13.61 31.29 20.05
CA SER B 442 13.44 31.46 21.49
C SER B 442 14.48 30.66 22.26
N ILE B 443 14.76 29.43 21.81
CA ILE B 443 15.73 28.58 22.51
C ILE B 443 17.13 29.19 22.43
N ILE B 444 17.54 29.62 21.23
CA ILE B 444 18.88 30.18 21.08
C ILE B 444 18.97 31.56 21.70
N GLN B 445 17.85 32.25 21.88
CA GLN B 445 17.89 33.54 22.57
C GLN B 445 18.17 33.38 24.06
N CYS B 446 17.71 32.28 24.66
CA CYS B 446 17.76 32.11 26.10
C CYS B 446 18.82 31.12 26.57
N PHE B 447 19.13 30.08 25.80
CA PHE B 447 19.92 28.97 26.31
C PHE B 447 21.06 28.62 25.36
N ASP B 448 22.16 28.17 25.96
CA ASP B 448 23.23 27.47 25.26
C ASP B 448 23.00 25.97 25.43
N LEU B 449 22.91 25.26 24.31
CA LEU B 449 22.64 23.82 24.34
C LEU B 449 23.98 23.08 24.45
N GLN B 450 24.25 22.56 25.64
CA GLN B 450 25.49 21.82 25.90
C GLN B 450 25.30 20.35 25.56
N VAL B 451 26.40 19.70 25.19
CA VAL B 451 26.40 18.29 24.80
C VAL B 451 26.94 17.47 25.97
N PRO B 452 26.21 16.47 26.46
CA PRO B 452 26.67 15.71 27.63
C PRO B 452 27.41 14.43 27.27
N GLY B 453 28.07 13.84 28.25
CA GLY B 453 28.69 12.54 28.12
C GLY B 453 27.87 11.44 28.79
N GLN B 454 28.52 10.31 29.10
CA GLN B 454 29.93 9.94 28.88
C GLN B 454 31.00 10.91 29.39
N HIS B 455 31.17 10.98 30.71
CA HIS B 455 30.38 10.21 31.66
C HIS B 455 29.18 11.04 32.12
N GLY B 456 29.47 12.13 32.82
CA GLY B 456 28.44 13.07 33.24
C GLY B 456 28.85 14.49 32.97
N GLU B 457 29.99 14.67 32.30
CA GLU B 457 30.52 15.99 32.01
C GLU B 457 29.98 16.57 30.72
N ILE B 458 30.53 17.73 30.36
CA ILE B 458 30.10 18.47 29.18
C ILE B 458 31.22 18.40 28.15
N LEU B 459 30.86 18.10 26.91
CA LEU B 459 31.82 18.07 25.82
C LEU B 459 32.13 19.49 25.35
N ASN B 460 33.41 19.75 25.07
CA ASN B 460 33.88 21.07 24.67
C ASN B 460 34.65 20.98 23.38
N GLY B 461 34.68 22.09 22.65
CA GLY B 461 35.47 22.16 21.43
C GLY B 461 34.91 21.26 20.34
N ASP B 462 35.80 20.50 19.70
CA ASP B 462 35.37 19.58 18.65
C ASP B 462 34.53 18.43 19.19
N TYR B 463 34.63 18.14 20.49
CA TYR B 463 33.80 17.10 21.08
C TYR B 463 32.34 17.51 21.20
N ALA B 464 32.06 18.80 21.24
CA ALA B 464 30.69 19.29 21.34
C ALA B 464 29.94 19.07 20.03
N LYS B 465 29.66 17.81 19.69
CA LYS B 465 28.96 17.46 18.47
C LYS B 465 27.87 16.45 18.80
N VAL B 466 26.83 16.43 17.97
CA VAL B 466 25.76 15.45 18.07
C VAL B 466 25.72 14.64 16.78
N SER B 467 25.29 13.39 16.90
CA SER B 467 25.22 12.52 15.73
C SER B 467 24.13 12.98 14.77
N MET B 468 24.41 12.86 13.48
CA MET B 468 23.44 13.15 12.43
C MET B 468 22.96 11.90 11.72
N GLU B 469 23.16 10.73 12.33
CA GLU B 469 22.66 9.49 11.77
C GLU B 469 21.15 9.53 11.65
N GLU B 470 20.63 8.97 10.56
CA GLU B 470 19.20 8.97 10.30
C GLU B 470 18.55 7.68 10.78
N ARG B 471 17.26 7.78 11.11
CA ARG B 471 16.45 6.62 11.46
C ARG B 471 15.46 6.35 10.34
N PRO B 472 15.33 5.10 9.89
CA PRO B 472 14.41 4.81 8.78
C PRO B 472 12.97 5.13 9.12
N GLY B 473 12.23 5.55 8.10
CA GLY B 473 10.82 5.84 8.26
C GLY B 473 10.33 6.64 7.08
N LEU B 474 9.01 6.77 6.99
CA LEU B 474 8.43 7.72 6.06
C LEU B 474 8.85 9.13 6.43
N THR B 475 8.74 9.47 7.71
CA THR B 475 9.36 10.64 8.29
C THR B 475 10.69 10.19 8.90
N VAL B 476 11.78 10.87 8.55
CA VAL B 476 13.10 10.42 8.95
C VAL B 476 13.70 11.36 9.98
N PRO B 477 13.72 10.98 11.26
CA PRO B 477 14.34 11.83 12.28
C PRO B 477 15.77 11.41 12.58
N ARG B 478 16.41 12.10 13.51
CA ARG B 478 17.71 11.66 14.00
C ARG B 478 17.58 10.35 14.74
N ALA B 479 18.52 9.44 14.51
CA ALA B 479 18.46 8.13 15.16
C ALA B 479 18.67 8.23 16.66
N HIS B 480 19.46 9.21 17.11
CA HIS B 480 19.74 9.40 18.53
C HIS B 480 18.92 10.55 19.07
N ASN B 481 18.33 10.35 20.26
CA ASN B 481 17.55 11.39 20.88
C ASN B 481 18.45 12.58 21.26
N LEU B 482 17.95 13.78 20.97
CA LEU B 482 18.71 15.00 21.25
C LEU B 482 18.74 15.24 22.76
N MET B 483 19.85 14.88 23.38
CA MET B 483 20.08 15.13 24.80
C MET B 483 20.92 16.39 24.95
N CYS B 484 20.41 17.35 25.73
CA CYS B 484 21.09 18.62 25.91
C CYS B 484 21.02 19.06 27.37
N VAL B 485 22.07 19.72 27.82
CA VAL B 485 22.08 20.37 29.12
C VAL B 485 21.93 21.87 28.87
N PRO B 486 20.75 22.44 29.05
CA PRO B 486 20.58 23.87 28.78
C PRO B 486 21.41 24.70 29.74
N LEU B 487 21.79 25.89 29.28
CA LEU B 487 22.55 26.85 30.08
C LEU B 487 21.98 28.22 29.81
N ALA B 488 21.34 28.82 30.81
CA ALA B 488 20.73 30.13 30.64
C ALA B 488 21.78 31.17 30.34
N ARG B 489 21.60 31.90 29.24
CA ARG B 489 22.51 32.98 28.89
C ARG B 489 22.44 34.09 29.92
N ALA B 490 23.40 35.01 29.84
CA ALA B 490 23.46 36.13 30.75
C ALA B 490 22.25 37.04 30.67
N GLY B 491 21.52 37.18 31.77
CA GLY B 491 20.36 38.04 31.81
C GLY B 491 19.15 37.45 31.10
N VAL B 492 18.83 36.20 31.39
CA VAL B 492 17.69 35.51 30.81
C VAL B 492 16.61 35.25 31.85
N ALA B 493 16.99 34.66 32.99
CA ALA B 493 16.01 34.41 34.05
C ALA B 493 15.53 35.70 34.70
N ASP B 494 16.25 36.80 34.53
CA ASP B 494 15.86 38.07 35.13
C ASP B 494 15.05 38.94 34.21
N LYS B 495 15.39 38.94 32.92
CA LYS B 495 14.70 39.79 31.96
C LYS B 495 13.68 39.06 31.11
N LEU B 496 13.90 37.77 30.86
CA LEU B 496 13.05 37.00 29.97
C LEU B 496 12.25 35.91 30.67
N LEU B 497 12.85 35.18 31.61
CA LEU B 497 12.17 34.11 32.30
C LEU B 497 12.19 34.31 33.81
CHA HEM C . -5.29 -13.23 -16.23
CHB HEM C . -1.21 -15.71 -17.08
CHC HEM C . -1.00 -13.85 -21.56
CHD HEM C . -4.96 -11.18 -20.62
C1A HEM C . -4.24 -14.13 -16.10
C2A HEM C . -4.05 -15.08 -15.01
C3A HEM C . -2.93 -15.76 -15.26
C4A HEM C . -2.37 -15.27 -16.49
CMA HEM C . -2.33 -16.86 -14.36
CAA HEM C . -4.98 -15.28 -13.79
CBA HEM C . -6.28 -15.92 -14.27
CGA HEM C . -7.15 -16.24 -13.08
O1A HEM C . -8.31 -15.75 -13.05
O2A HEM C . -6.67 -16.95 -12.16
C1B HEM C . -0.83 -15.48 -18.38
C2B HEM C . 0.24 -16.15 -19.09
C3B HEM C . 0.31 -15.65 -20.32
C4B HEM C . -0.72 -14.62 -20.44
CMB HEM C . 1.15 -17.26 -18.53
CAB HEM C . 1.33 -16.12 -21.37
CBB HEM C . 1.51 -15.50 -22.54
C1C HEM C . -2.04 -12.95 -21.69
C2C HEM C . -2.31 -12.14 -22.86
C3C HEM C . -3.39 -11.39 -22.63
C4C HEM C . -3.87 -11.71 -21.28
CMC HEM C . -1.47 -12.13 -24.15
CAC HEM C . -3.97 -10.40 -23.65
CBC HEM C . -4.86 -9.46 -23.32
C1D HEM C . -5.40 -11.52 -19.36
C2D HEM C . -6.58 -10.99 -18.71
C3D HEM C . -6.67 -11.55 -17.49
C4D HEM C . -5.55 -12.46 -17.34
CMD HEM C . -7.56 -9.94 -19.30
CAD HEM C . -7.77 -11.28 -16.44
CBD HEM C . -8.92 -12.27 -16.59
CGD HEM C . -9.87 -12.12 -15.44
O1D HEM C . -11.02 -12.63 -15.53
O2D HEM C . -9.50 -11.49 -14.41
NA HEM C . -3.19 -14.27 -16.99
NB HEM C . -1.39 -14.55 -19.24
NC HEM C . -3.01 -12.66 -20.75
ND HEM C . -4.81 -12.41 -18.50
FE HEM C . -3.05 -13.40 -18.85
S SO4 D . -12.25 -10.89 -23.93
O1 SO4 D . -11.89 -10.54 -22.56
O2 SO4 D . -11.30 -10.26 -24.85
O3 SO4 D . -13.60 -10.43 -24.21
O4 SO4 D . -12.17 -12.34 -24.09
S SO4 E . -12.85 -27.80 -28.70
O1 SO4 E . -12.44 -27.56 -27.33
O2 SO4 E . -13.14 -26.53 -29.35
O3 SO4 E . -14.05 -28.63 -28.71
O4 SO4 E . -11.78 -28.49 -29.42
S SO4 F . -2.61 0.48 -6.26
O1 SO4 F . -1.31 0.19 -5.67
O2 SO4 F . -2.72 1.90 -6.58
O3 SO4 F . -3.66 0.12 -5.30
O4 SO4 F . -2.78 -0.30 -7.49
CHA HEM G . -1.40 20.80 6.14
CHB HEM G . -2.79 20.33 10.77
CHC HEM G . -6.85 22.79 9.82
CHD HEM G . -5.59 23.07 5.13
C1A HEM G . -1.38 20.53 7.49
C2A HEM G . -0.26 20.01 8.26
C3A HEM G . -0.65 19.89 9.52
C4A HEM G . -2.03 20.32 9.62
CMA HEM G . 0.22 19.38 10.69
CAA HEM G . 1.15 19.68 7.71
CBA HEM G . 1.84 20.97 7.31
CGA HEM G . 3.27 20.70 6.95
O1A HEM G . 3.69 21.12 5.84
O2A HEM G . 3.98 20.07 7.77
C1B HEM G . -3.97 21.00 10.93
C2B HEM G . -4.64 21.25 12.19
C3B HEM G . -5.76 21.92 11.95
C4B HEM G . -5.86 22.14 10.51
CMB HEM G . -4.15 20.80 13.58
CAB HEM G . -6.74 22.35 13.07
CBB HEM G . -7.93 22.86 12.80
C1C HEM G . -6.89 23.06 8.47
C2C HEM G . -7.96 23.71 7.75
C3C HEM G . -7.64 23.78 6.47
C4C HEM G . -6.31 23.19 6.30
CMC HEM G . -9.28 24.21 8.37
CAC HEM G . -8.56 24.42 5.40
CBC HEM G . -8.32 24.32 4.09
C1D HEM G . -4.34 22.50 5.00
C2D HEM G . -3.56 22.42 3.77
C3D HEM G . -2.41 21.80 4.05
C4D HEM G . -2.41 21.45 5.46
CMD HEM G . -4.00 22.97 2.40
CAD HEM G . -1.29 21.50 3.03
CBD HEM G . -0.25 22.62 3.04
CGD HEM G . 0.56 22.54 1.77
O1D HEM G . 0.01 22.87 0.68
O2D HEM G . 1.75 22.15 1.84
NA HEM G . -2.45 20.69 8.36
NB HEM G . -4.74 21.56 9.93
NC HEM G . -5.89 22.76 7.54
ND HEM G . -3.60 21.90 6.00
FE HEM G . -4.23 21.67 7.94
S SO4 H . -4.22 29.54 -0.19
O1 SO4 H . -3.88 30.45 -1.28
O2 SO4 H . -3.77 30.12 1.08
O3 SO4 H . -3.56 28.26 -0.39
O4 SO4 H . -5.67 29.35 -0.14
S SO4 I . 2.05 40.33 11.67
O1 SO4 I . 2.84 41.44 11.15
O2 SO4 I . 2.16 40.30 13.12
O3 SO4 I . 2.54 39.08 11.11
O4 SO4 I . 0.65 40.52 11.29
S SO4 J . -2.74 5.77 -1.94
O1 SO4 J . -1.34 5.67 -2.34
O2 SO4 J . -3.12 7.17 -1.76
O3 SO4 J . -3.57 5.19 -2.99
O4 SO4 J . -2.94 5.04 -0.69
#